data_3ETJ
#
_entry.id   3ETJ
#
_cell.length_a   128.800
_cell.length_b   70.500
_cell.length_c   88.700
_cell.angle_alpha   90.000
_cell.angle_beta   124.300
_cell.angle_gamma   90.000
#
_symmetry.space_group_name_H-M   'C 1 2 1'
#
loop_
_entity.id
_entity.type
_entity.pdbx_description
1 polymer 'Phosphoribosylaminoimidazole carboxylase ATPase subunit'
2 non-polymer "ADENOSINE-5'-DIPHOSPHATE"
3 non-polymer 'MAGNESIUM ION'
4 non-polymer 'HYDROGENPHOSPHATE ION'
5 non-polymer 'CHLORIDE ION'
6 water water
#
_entity_poly.entity_id   1
_entity_poly.type   'polypeptide(L)'
_entity_poly.pdbx_seq_one_letter_code
;MKQVCVLGNGQLGRMLRQAGEPLGIAVWPVGLDAEPAAVPFQQSVITAEIERWPETALTRQLARHPAFVNRDVFPIIADR
LTQKQLFDKLHLPTAPWQLLAERSEWPAVFDRLGELAIVKRRTGGYDGRGQWRLRANETEQLPAECYGECIVEQGINFSG
EVSLVGARGFDGSTVFYPLTHNLHQDGILRTSVAFPQANAQQQARAEEMLSAIMQELGYVGVMAMECFVTPQGLLINELA
PRVHNSGHWTQNGASISQFELHLRAITDLPLPQPVVNNPSVMINLIGSDVNYDWLKLPLVHLHWYDKEVRPGRKVGHLNL
TDSDTSRLTATLEALIPLLPPEYASGVIWAQSKFG
;
_entity_poly.pdbx_strand_id   A,B
#
# COMPACT_ATOMS: atom_id res chain seq x y z
N MET A 1 16.15 -7.87 -12.06
CA MET A 1 14.85 -7.23 -11.85
C MET A 1 14.47 -6.07 -12.79
N LYS A 2 13.24 -5.60 -12.57
CA LYS A 2 12.86 -4.47 -13.40
C LYS A 2 13.59 -3.23 -12.77
N GLN A 3 14.08 -2.33 -13.62
CA GLN A 3 14.75 -1.10 -13.14
C GLN A 3 14.24 0.13 -13.91
N VAL A 4 13.65 1.10 -13.23
CA VAL A 4 12.97 2.19 -13.93
C VAL A 4 13.37 3.55 -13.46
N CYS A 5 13.67 4.45 -14.40
CA CYS A 5 14.07 5.80 -13.94
C CYS A 5 12.93 6.72 -14.34
N VAL A 6 12.52 7.64 -13.46
CA VAL A 6 11.41 8.53 -13.80
C VAL A 6 11.91 9.96 -13.90
N LEU A 7 11.58 10.61 -15.00
CA LEU A 7 11.96 12.00 -15.14
C LEU A 7 11.04 12.73 -14.18
N GLY A 8 11.62 13.30 -13.13
CA GLY A 8 10.86 14.08 -12.18
C GLY A 8 10.81 13.36 -10.84
N ASN A 9 10.92 14.13 -9.76
CA ASN A 9 10.88 13.45 -8.47
C ASN A 9 9.81 14.07 -7.58
N GLY A 10 8.69 14.51 -8.18
CA GLY A 10 7.57 15.00 -7.38
C GLY A 10 6.85 13.79 -6.75
N GLN A 11 5.68 14.11 -6.17
CA GLN A 11 4.87 13.10 -5.48
C GLN A 11 4.46 11.95 -6.38
N LEU A 12 4.22 12.19 -7.68
CA LEU A 12 3.81 11.08 -8.55
C LEU A 12 4.95 10.09 -8.69
N GLY A 13 6.18 10.62 -8.87
CA GLY A 13 7.35 9.73 -8.98
C GLY A 13 7.55 8.98 -7.66
N ARG A 14 7.33 9.66 -6.55
CA ARG A 14 7.47 8.99 -5.26
C ARG A 14 6.44 7.86 -5.14
N MET A 15 5.18 8.08 -5.51
CA MET A 15 4.17 7.02 -5.37
C MET A 15 4.40 5.88 -6.39
N LEU A 16 5.04 6.16 -7.52
CA LEU A 16 5.35 5.08 -8.49
C LEU A 16 6.46 4.27 -7.80
N ARG A 17 7.41 4.90 -7.08
CA ARG A 17 8.49 4.14 -6.44
C ARG A 17 7.93 3.25 -5.32
N GLN A 18 7.01 3.85 -4.55
CA GLN A 18 6.35 3.10 -3.47
C GLN A 18 5.62 1.90 -4.07
N ALA A 19 4.90 2.10 -5.16
CA ALA A 19 4.16 1.00 -5.80
C ALA A 19 5.17 -0.09 -6.27
N GLY A 20 6.31 0.33 -6.80
CA GLY A 20 7.19 -0.68 -7.33
C GLY A 20 7.99 -1.56 -6.44
N GLU A 21 8.34 -1.02 -5.28
CA GLU A 21 9.20 -1.75 -4.34
C GLU A 21 8.64 -3.11 -4.02
N PRO A 22 7.38 -3.20 -3.61
CA PRO A 22 6.84 -4.54 -3.33
C PRO A 22 6.77 -5.48 -4.55
N LEU A 23 6.77 -4.99 -5.79
CA LEU A 23 6.70 -5.82 -6.96
C LEU A 23 8.09 -6.20 -7.37
N GLY A 24 9.09 -5.73 -6.63
CA GLY A 24 10.46 -6.08 -7.02
C GLY A 24 10.95 -5.18 -8.17
N ILE A 25 10.30 -4.04 -8.43
CA ILE A 25 10.77 -3.11 -9.46
C ILE A 25 11.35 -1.88 -8.71
N ALA A 26 12.64 -1.70 -8.95
CA ALA A 26 13.40 -0.60 -8.36
C ALA A 26 13.08 0.62 -9.22
N VAL A 27 12.47 1.63 -8.61
CA VAL A 27 12.08 2.84 -9.34
C VAL A 27 12.86 4.06 -8.79
N TRP A 28 13.54 4.81 -9.66
CA TRP A 28 14.30 5.99 -9.25
C TRP A 28 13.67 7.29 -9.78
N PRO A 29 12.99 8.02 -8.91
CA PRO A 29 12.37 9.30 -9.33
C PRO A 29 13.59 10.24 -9.46
N VAL A 30 13.83 10.84 -10.61
CA VAL A 30 15.03 11.66 -10.75
C VAL A 30 14.66 13.13 -10.85
N GLY A 31 15.35 13.87 -10.00
CA GLY A 31 15.18 15.33 -9.96
C GLY A 31 15.84 15.93 -11.16
N LEU A 32 15.34 17.08 -11.59
CA LEU A 32 15.97 17.62 -12.78
C LEU A 32 17.37 18.17 -12.58
N ASP A 33 17.75 18.27 -11.30
CA ASP A 33 19.09 18.75 -11.00
C ASP A 33 20.10 17.64 -10.82
N ALA A 34 19.68 16.40 -11.06
CA ALA A 34 20.62 15.27 -10.91
C ALA A 34 21.70 15.28 -11.98
N GLU A 35 22.84 14.69 -11.64
CA GLU A 35 23.93 14.65 -12.60
C GLU A 35 23.62 13.36 -13.31
N PRO A 36 23.56 13.42 -14.64
CA PRO A 36 23.25 12.22 -15.41
C PRO A 36 24.15 11.03 -15.10
N ALA A 37 25.46 11.31 -14.90
CA ALA A 37 26.44 10.27 -14.53
C ALA A 37 25.95 9.51 -13.29
N ALA A 38 25.21 10.13 -12.37
CA ALA A 38 24.73 9.49 -11.14
C ALA A 38 23.42 8.73 -11.21
N VAL A 39 22.83 8.55 -12.40
CA VAL A 39 21.55 7.85 -12.57
C VAL A 39 21.74 6.73 -13.60
N PRO A 40 21.35 5.50 -13.28
CA PRO A 40 21.43 4.32 -14.12
C PRO A 40 20.39 4.28 -15.24
N PHE A 41 20.18 5.43 -15.83
CA PHE A 41 19.14 5.40 -16.84
C PHE A 41 19.44 4.63 -18.11
N GLN A 42 20.72 4.40 -18.38
CA GLN A 42 21.10 3.69 -19.61
C GLN A 42 20.86 2.18 -19.56
N GLN A 43 20.55 1.73 -18.35
CA GLN A 43 20.23 0.36 -17.97
C GLN A 43 18.78 0.26 -17.46
N SER A 44 17.90 1.20 -17.81
CA SER A 44 16.52 1.17 -17.27
C SER A 44 15.41 1.44 -18.26
N VAL A 45 14.17 1.29 -17.78
CA VAL A 45 13.01 1.65 -18.60
C VAL A 45 12.85 3.09 -18.11
N ILE A 46 12.73 3.99 -19.08
CA ILE A 46 12.54 5.38 -18.72
C ILE A 46 11.08 5.85 -18.94
N THR A 47 10.60 6.60 -17.94
CA THR A 47 9.26 7.18 -18.01
C THR A 47 9.32 8.58 -17.39
N ALA A 48 8.18 9.30 -17.31
CA ALA A 48 8.10 10.68 -16.79
C ALA A 48 6.89 10.87 -15.84
N GLU A 49 7.03 11.70 -14.82
CA GLU A 49 5.89 11.95 -13.94
C GLU A 49 5.41 13.38 -14.20
N ILE A 50 6.05 14.04 -15.17
CA ILE A 50 5.75 15.41 -15.58
C ILE A 50 5.54 15.53 -17.09
N GLU A 51 4.77 16.52 -17.56
CA GLU A 51 4.46 16.66 -18.99
C GLU A 51 5.47 17.42 -19.80
N ARG A 52 6.02 18.38 -19.11
CA ARG A 52 6.99 19.17 -19.82
C ARG A 52 8.13 19.39 -18.83
N TRP A 53 9.30 19.74 -19.32
CA TRP A 53 10.44 20.00 -18.44
C TRP A 53 11.38 21.05 -19.10
N PRO A 54 12.11 21.76 -18.26
CA PRO A 54 13.08 22.71 -18.81
C PRO A 54 14.33 21.90 -19.23
N GLU A 55 15.26 22.53 -19.91
CA GLU A 55 16.44 21.80 -20.33
C GLU A 55 17.47 21.86 -19.23
N THR A 56 17.95 20.71 -18.77
CA THR A 56 18.98 20.60 -17.77
C THR A 56 19.84 19.45 -18.32
N ALA A 57 21.02 19.21 -17.74
CA ALA A 57 21.94 18.13 -18.11
C ALA A 57 21.18 16.81 -18.01
N LEU A 58 20.40 16.60 -16.95
CA LEU A 58 19.64 15.36 -16.83
C LEU A 58 18.53 15.33 -17.91
N THR A 59 17.74 16.39 -18.07
CA THR A 59 16.66 16.28 -19.07
C THR A 59 17.15 16.06 -20.47
N ARG A 60 18.27 16.65 -20.82
CA ARG A 60 18.81 16.46 -22.18
C ARG A 60 19.09 14.98 -22.46
N GLN A 61 19.71 14.30 -21.51
CA GLN A 61 20.00 12.88 -21.69
C GLN A 61 18.79 11.97 -21.66
N LEU A 62 17.93 12.11 -20.65
CA LEU A 62 16.76 11.24 -20.58
C LEU A 62 15.70 11.33 -21.65
N ALA A 63 15.37 12.59 -21.93
CA ALA A 63 14.28 12.81 -22.85
C ALA A 63 14.57 12.31 -24.24
N ARG A 64 15.83 12.13 -24.59
CA ARG A 64 16.05 11.68 -25.97
C ARG A 64 16.36 10.21 -25.99
N HIS A 65 16.40 9.63 -24.81
CA HIS A 65 16.84 8.22 -24.76
C HIS A 65 15.83 7.22 -25.37
N PRO A 66 16.32 6.25 -26.14
CA PRO A 66 15.43 5.29 -26.78
C PRO A 66 14.62 4.47 -25.80
N ALA A 67 15.11 4.35 -24.56
CA ALA A 67 14.39 3.60 -23.52
C ALA A 67 13.22 4.38 -22.90
N PHE A 68 13.10 5.66 -23.26
CA PHE A 68 12.03 6.53 -22.76
C PHE A 68 10.70 6.16 -23.44
N VAL A 69 9.86 5.41 -22.73
CA VAL A 69 8.56 4.98 -23.27
C VAL A 69 7.67 6.22 -23.55
N ASN A 70 7.18 6.27 -24.79
CA ASN A 70 6.34 7.36 -25.31
C ASN A 70 7.13 8.65 -25.60
N ARG A 71 8.44 8.48 -25.69
CA ARG A 71 9.29 9.65 -25.94
C ARG A 71 8.75 10.63 -26.96
N ASP A 72 8.34 10.07 -28.09
CA ASP A 72 7.86 10.92 -29.19
C ASP A 72 6.41 11.29 -29.16
N VAL A 73 5.76 10.89 -28.08
CA VAL A 73 4.35 11.19 -27.95
C VAL A 73 4.21 12.44 -27.09
N PHE A 74 5.07 12.52 -26.08
CA PHE A 74 4.94 13.66 -25.17
C PHE A 74 4.81 15.02 -25.84
N PRO A 75 5.61 15.23 -26.89
CA PRO A 75 5.54 16.56 -27.49
C PRO A 75 4.12 16.87 -27.93
N ILE A 76 3.46 15.92 -28.57
CA ILE A 76 2.12 16.17 -29.02
C ILE A 76 1.08 16.44 -27.96
N ILE A 77 1.15 15.69 -26.86
CA ILE A 77 0.14 15.88 -25.82
C ILE A 77 0.47 17.08 -24.95
N ALA A 78 1.76 17.26 -24.71
CA ALA A 78 2.25 18.37 -23.89
C ALA A 78 1.98 19.78 -24.41
N ASP A 79 1.66 19.91 -25.68
CA ASP A 79 1.34 21.24 -26.21
C ASP A 79 -0.21 21.25 -26.36
N ARG A 80 -0.97 22.05 -25.61
CA ARG A 80 -2.42 22.09 -25.77
C ARG A 80 -3.02 22.32 -27.20
N LEU A 81 -2.28 23.04 -28.06
CA LEU A 81 -2.67 23.28 -29.47
C LEU A 81 -2.69 21.89 -30.18
N THR A 82 -1.62 21.10 -30.16
CA THR A 82 -1.68 19.80 -30.82
C THR A 82 -2.59 18.80 -30.11
N GLN A 83 -2.72 18.94 -28.79
CA GLN A 83 -3.64 18.04 -28.04
C GLN A 83 -5.09 18.31 -28.52
N LYS A 84 -5.49 19.58 -28.61
CA LYS A 84 -6.84 19.91 -29.09
C LYS A 84 -7.05 19.50 -30.58
N GLN A 85 -6.03 19.68 -31.41
CA GLN A 85 -6.13 19.31 -32.81
C GLN A 85 -6.32 17.82 -32.90
N LEU A 86 -5.74 17.09 -31.95
CA LEU A 86 -5.83 15.63 -31.96
C LEU A 86 -7.30 15.27 -31.64
N PHE A 87 -7.92 15.99 -30.70
CA PHE A 87 -9.30 15.69 -30.38
C PHE A 87 -10.14 15.90 -31.63
N ASP A 88 -9.80 17.00 -32.29
CA ASP A 88 -10.60 17.38 -33.43
C ASP A 88 -10.43 16.32 -34.51
N LYS A 89 -9.19 15.94 -34.72
CA LYS A 89 -8.93 14.91 -35.72
C LYS A 89 -9.75 13.63 -35.55
N LEU A 90 -9.88 13.18 -34.29
CA LEU A 90 -10.61 11.93 -34.03
C LEU A 90 -12.09 12.11 -33.83
N HIS A 91 -12.60 13.31 -34.10
CA HIS A 91 -14.00 13.59 -33.93
C HIS A 91 -14.42 13.52 -32.47
N LEU A 92 -13.49 13.87 -31.58
CA LEU A 92 -13.76 13.85 -30.14
C LEU A 92 -14.30 15.16 -29.60
N PRO A 93 -15.54 15.14 -29.14
CA PRO A 93 -16.06 16.41 -28.68
C PRO A 93 -15.19 17.12 -27.67
N THR A 94 -15.06 18.44 -27.77
CA THR A 94 -14.26 19.22 -26.84
C THR A 94 -14.70 20.68 -26.90
N ALA A 95 -14.26 21.53 -25.96
CA ALA A 95 -14.70 22.94 -26.02
C ALA A 95 -14.22 23.70 -27.27
N PRO A 96 -15.11 24.46 -27.89
CA PRO A 96 -14.76 25.30 -29.05
C PRO A 96 -13.60 26.14 -28.52
N TRP A 97 -12.61 26.33 -29.37
CA TRP A 97 -11.40 26.98 -28.97
C TRP A 97 -10.72 27.48 -30.25
N GLN A 98 -9.57 28.09 -30.00
CA GLN A 98 -8.67 28.53 -31.04
C GLN A 98 -7.39 29.01 -30.36
N LEU A 99 -6.37 29.17 -31.19
CA LEU A 99 -5.09 29.61 -30.65
C LEU A 99 -5.30 31.11 -30.48
N LEU A 100 -4.79 31.64 -29.38
CA LEU A 100 -4.90 33.08 -29.11
C LEU A 100 -3.60 33.63 -29.65
N ALA A 101 -3.66 34.22 -30.84
CA ALA A 101 -2.44 34.69 -31.46
C ALA A 101 -2.18 36.19 -31.42
N GLU A 102 -3.19 37.03 -31.22
CA GLU A 102 -2.95 38.47 -31.26
C GLU A 102 -4.08 39.18 -30.60
N ARG A 103 -3.82 40.40 -30.12
CA ARG A 103 -4.92 41.14 -29.49
C ARG A 103 -6.13 41.38 -30.44
N SER A 104 -5.87 41.55 -31.73
CA SER A 104 -6.91 41.84 -32.69
C SER A 104 -8.01 40.77 -32.68
N GLU A 105 -7.68 39.63 -32.12
CA GLU A 105 -8.69 38.61 -32.14
C GLU A 105 -9.68 38.67 -30.98
N TRP A 106 -9.33 39.35 -29.90
CA TRP A 106 -10.21 39.35 -28.72
C TRP A 106 -11.72 39.46 -28.93
N PRO A 107 -12.12 40.49 -29.63
CA PRO A 107 -13.55 40.67 -29.86
C PRO A 107 -14.17 39.48 -30.59
N ALA A 108 -13.46 38.90 -31.54
CA ALA A 108 -13.98 37.74 -32.25
C ALA A 108 -14.05 36.56 -31.25
N VAL A 109 -13.08 36.53 -30.36
CA VAL A 109 -13.08 35.43 -29.38
C VAL A 109 -14.37 35.51 -28.61
N PHE A 110 -14.60 36.70 -28.06
CA PHE A 110 -15.78 36.86 -27.27
C PHE A 110 -17.06 36.68 -28.05
N ASP A 111 -17.04 37.13 -29.30
CA ASP A 111 -18.27 37.01 -30.04
C ASP A 111 -18.59 35.56 -30.23
N ARG A 112 -17.54 34.85 -30.53
CA ARG A 112 -17.83 33.48 -30.83
C ARG A 112 -17.95 32.52 -29.67
N LEU A 113 -17.02 32.71 -28.75
CA LEU A 113 -16.92 31.86 -27.58
C LEU A 113 -17.74 32.31 -26.37
N GLY A 114 -18.38 33.48 -26.36
CA GLY A 114 -19.16 33.80 -25.16
C GLY A 114 -18.48 34.75 -24.17
N GLU A 115 -19.20 35.05 -23.09
CA GLU A 115 -18.75 35.99 -22.07
C GLU A 115 -17.44 35.74 -21.35
N LEU A 116 -17.06 34.49 -21.09
CA LEU A 116 -15.77 34.42 -20.44
C LEU A 116 -14.90 33.51 -21.31
N ALA A 117 -13.68 33.99 -21.50
CA ALA A 117 -12.77 33.21 -22.32
C ALA A 117 -11.90 32.46 -21.33
N ILE A 118 -11.68 31.17 -21.58
CA ILE A 118 -10.75 30.40 -20.76
C ILE A 118 -9.43 30.31 -21.57
N VAL A 119 -8.39 31.00 -21.11
CA VAL A 119 -7.09 31.00 -21.77
C VAL A 119 -6.15 30.04 -21.00
N LYS A 120 -5.51 29.13 -21.72
CA LYS A 120 -4.62 28.19 -21.06
C LYS A 120 -3.29 28.24 -21.77
N ARG A 121 -2.17 28.24 -21.05
CA ARG A 121 -0.89 28.26 -21.77
C ARG A 121 -0.74 26.98 -22.59
N ARG A 122 -0.10 27.04 -23.76
CA ARG A 122 0.05 25.79 -24.50
C ARG A 122 0.89 24.74 -23.76
N THR A 123 1.92 25.18 -23.03
CA THR A 123 2.66 24.12 -22.35
C THR A 123 2.99 24.57 -20.93
N GLY A 124 3.28 23.61 -20.06
CA GLY A 124 3.67 23.82 -18.66
C GLY A 124 2.56 24.10 -17.64
N GLY A 125 1.31 24.17 -18.10
CA GLY A 125 0.24 24.40 -17.13
C GLY A 125 -0.21 23.06 -16.49
N TYR A 126 -0.61 23.08 -15.21
CA TYR A 126 -1.09 21.90 -14.45
C TYR A 126 -1.60 22.51 -13.14
N ASP A 127 -2.40 21.80 -12.33
CA ASP A 127 -2.91 22.44 -11.11
C ASP A 127 -3.74 23.73 -11.24
N GLY A 128 -4.21 24.02 -12.46
CA GLY A 128 -5.01 25.24 -12.69
C GLY A 128 -4.19 26.52 -12.81
N ARG A 129 -2.88 26.35 -12.93
CA ARG A 129 -1.92 27.44 -13.14
C ARG A 129 -1.65 27.58 -14.65
N GLY A 130 -1.44 28.78 -15.16
CA GLY A 130 -1.22 28.84 -16.61
C GLY A 130 -2.61 28.85 -17.25
N GLN A 131 -3.57 29.43 -16.52
CA GLN A 131 -4.94 29.55 -17.00
C GLN A 131 -5.55 30.83 -16.48
N TRP A 132 -6.23 31.61 -17.32
CA TRP A 132 -6.88 32.84 -16.82
C TRP A 132 -8.34 32.78 -17.27
N ARG A 133 -9.31 33.32 -16.52
CA ARG A 133 -10.74 33.32 -16.91
C ARG A 133 -10.97 34.81 -17.09
N LEU A 134 -11.17 35.20 -18.34
CA LEU A 134 -11.32 36.59 -18.69
C LEU A 134 -12.61 37.06 -19.37
N ARG A 135 -13.05 38.21 -18.89
CA ARG A 135 -14.22 38.85 -19.50
C ARG A 135 -13.55 39.89 -20.42
N ALA A 136 -14.36 40.35 -21.37
CA ALA A 136 -13.88 41.24 -22.40
C ALA A 136 -13.19 42.44 -21.86
N ASN A 137 -13.68 42.84 -20.69
CA ASN A 137 -13.12 44.00 -20.01
C ASN A 137 -11.81 43.74 -19.31
N GLU A 138 -11.40 42.48 -19.31
CA GLU A 138 -10.16 42.15 -18.61
C GLU A 138 -8.96 41.64 -19.39
N THR A 139 -8.99 41.67 -20.72
CA THR A 139 -7.88 41.17 -21.53
C THR A 139 -6.49 41.79 -21.25
N GLU A 140 -6.55 42.86 -20.47
CA GLU A 140 -5.34 43.57 -20.08
C GLU A 140 -4.61 42.70 -19.10
N GLN A 141 -5.34 41.79 -18.45
CA GLN A 141 -4.63 40.94 -17.51
C GLN A 141 -3.67 39.96 -18.15
N LEU A 142 -3.80 39.72 -19.45
CA LEU A 142 -2.89 38.79 -20.13
C LEU A 142 -1.46 39.14 -20.53
N PRO A 143 -0.53 38.41 -19.93
CA PRO A 143 0.88 38.54 -20.22
C PRO A 143 1.15 38.50 -21.72
N ALA A 144 1.65 39.66 -22.15
CA ALA A 144 2.00 39.97 -23.52
C ALA A 144 2.55 38.78 -24.27
N GLU A 145 3.43 38.01 -23.64
CA GLU A 145 4.01 36.83 -24.27
C GLU A 145 3.05 35.66 -24.48
N CYS A 146 1.88 35.78 -23.84
CA CYS A 146 0.82 34.79 -23.98
C CYS A 146 0.39 34.70 -25.44
N TYR A 147 0.29 35.87 -26.08
CA TYR A 147 -0.13 35.87 -27.47
C TYR A 147 0.83 34.98 -28.20
N GLY A 148 0.17 34.03 -28.85
CA GLY A 148 0.79 33.00 -29.65
C GLY A 148 1.14 31.78 -28.79
N GLU A 149 1.10 31.87 -27.46
CA GLU A 149 1.52 30.74 -26.64
C GLU A 149 0.44 30.13 -25.77
N CYS A 150 -0.75 30.61 -26.10
CA CYS A 150 -1.94 30.16 -25.41
C CYS A 150 -3.07 29.83 -26.36
N ILE A 151 -3.96 28.98 -25.87
CA ILE A 151 -5.20 28.62 -26.56
C ILE A 151 -6.31 29.36 -25.79
N VAL A 152 -7.46 29.56 -26.41
CA VAL A 152 -8.55 30.18 -25.68
C VAL A 152 -9.77 29.29 -25.94
N GLU A 153 -10.59 29.03 -24.92
CA GLU A 153 -11.73 28.15 -25.11
C GLU A 153 -12.96 28.79 -24.55
N GLN A 154 -14.10 28.28 -24.99
CA GLN A 154 -15.37 28.72 -24.41
C GLN A 154 -15.44 28.19 -22.94
N GLY A 155 -15.97 28.98 -22.00
CA GLY A 155 -16.17 28.55 -20.60
C GLY A 155 -17.40 27.62 -20.69
N ILE A 156 -17.20 26.35 -20.41
CA ILE A 156 -18.24 25.33 -20.49
C ILE A 156 -18.94 25.27 -19.14
N ASN A 157 -20.26 25.36 -19.18
CA ASN A 157 -21.01 25.30 -17.93
C ASN A 157 -21.39 23.84 -17.63
N PHE A 158 -20.39 23.03 -17.33
CA PHE A 158 -20.67 21.64 -17.10
C PHE A 158 -21.46 21.42 -15.82
N SER A 159 -22.19 20.33 -15.84
CA SER A 159 -22.94 19.91 -14.68
C SER A 159 -21.99 19.10 -13.75
N GLY A 160 -20.84 18.66 -14.26
CA GLY A 160 -19.92 17.92 -13.42
C GLY A 160 -18.68 17.59 -14.27
N GLU A 161 -17.64 17.07 -13.62
CA GLU A 161 -16.41 16.70 -14.35
C GLU A 161 -16.11 15.27 -13.94
N VAL A 162 -15.65 14.48 -14.91
CA VAL A 162 -15.33 13.12 -14.58
C VAL A 162 -14.03 12.84 -15.35
N SER A 163 -13.23 11.88 -14.87
CA SER A 163 -12.02 11.59 -15.63
C SER A 163 -12.04 10.08 -15.81
N LEU A 164 -11.40 9.61 -16.89
CA LEU A 164 -11.24 8.19 -17.18
C LEU A 164 -9.74 7.90 -17.05
N VAL A 165 -9.36 7.03 -16.12
CA VAL A 165 -7.96 6.69 -15.99
C VAL A 165 -7.83 5.26 -16.57
N GLY A 166 -6.93 5.04 -17.53
CA GLY A 166 -6.78 3.71 -18.11
C GLY A 166 -5.33 3.53 -18.58
N ALA A 167 -5.08 2.38 -19.19
CA ALA A 167 -3.73 2.06 -19.66
C ALA A 167 -3.80 1.27 -20.95
N ARG A 168 -2.74 1.34 -21.75
CA ARG A 168 -2.62 0.57 -22.96
C ARG A 168 -1.24 -0.08 -22.86
N GLY A 169 -1.17 -1.38 -23.19
CA GLY A 169 0.08 -2.15 -23.16
C GLY A 169 0.71 -2.23 -24.55
N PHE A 170 1.96 -2.70 -24.54
CA PHE A 170 2.74 -2.85 -25.75
C PHE A 170 1.92 -3.67 -26.76
N ASP A 171 1.10 -4.60 -26.25
CA ASP A 171 0.30 -5.45 -27.10
C ASP A 171 -1.02 -4.80 -27.54
N GLY A 172 -1.25 -3.54 -27.23
CA GLY A 172 -2.43 -2.85 -27.73
C GLY A 172 -3.65 -3.11 -26.88
N SER A 173 -3.47 -3.97 -25.90
CA SER A 173 -4.65 -4.25 -25.07
C SER A 173 -4.88 -3.04 -24.13
N THR A 174 -6.09 -2.84 -23.61
CA THR A 174 -6.29 -1.69 -22.76
C THR A 174 -7.10 -2.14 -21.54
N VAL A 175 -7.03 -1.41 -20.44
CA VAL A 175 -7.86 -1.72 -19.26
C VAL A 175 -8.18 -0.31 -18.71
N PHE A 176 -9.33 -0.23 -18.03
CA PHE A 176 -9.80 1.04 -17.48
C PHE A 176 -10.34 0.95 -16.08
N TYR A 177 -10.27 2.03 -15.32
CA TYR A 177 -10.92 2.05 -14.03
C TYR A 177 -12.31 2.66 -14.32
N PRO A 178 -13.26 2.51 -13.41
CA PRO A 178 -14.57 3.17 -13.58
C PRO A 178 -14.27 4.69 -13.61
N LEU A 179 -15.18 5.50 -14.15
CA LEU A 179 -15.01 6.98 -14.22
C LEU A 179 -14.95 7.52 -12.79
N THR A 180 -14.19 8.61 -12.66
CA THR A 180 -13.98 9.27 -11.38
C THR A 180 -14.60 10.66 -11.50
N HIS A 181 -15.42 10.97 -10.49
CA HIS A 181 -16.05 12.26 -10.33
C HIS A 181 -15.05 13.15 -9.62
N ASN A 182 -14.76 14.32 -10.21
CA ASN A 182 -13.82 15.29 -9.67
C ASN A 182 -14.36 16.70 -9.37
N LEU A 183 -14.00 17.27 -8.23
CA LEU A 183 -14.44 18.62 -7.90
C LEU A 183 -13.24 19.50 -7.93
N HIS A 184 -13.28 20.61 -8.69
CA HIS A 184 -12.11 21.52 -8.72
C HIS A 184 -12.62 22.83 -8.09
N GLN A 185 -11.69 23.54 -7.45
CA GLN A 185 -12.08 24.81 -6.90
C GLN A 185 -10.88 25.69 -7.18
N ASP A 186 -11.12 26.82 -7.83
CA ASP A 186 -9.99 27.69 -8.18
C ASP A 186 -9.01 26.99 -9.11
N GLY A 187 -9.61 26.08 -9.90
CA GLY A 187 -8.87 25.34 -10.92
C GLY A 187 -7.93 24.21 -10.50
N ILE A 188 -7.97 23.91 -9.20
CA ILE A 188 -7.19 22.84 -8.57
C ILE A 188 -8.11 21.73 -8.04
N LEU A 189 -7.70 20.48 -8.27
CA LEU A 189 -8.53 19.40 -7.80
C LEU A 189 -8.65 19.34 -6.28
N ARG A 190 -9.86 19.24 -5.74
CA ARG A 190 -10.00 19.17 -4.32
C ARG A 190 -10.47 17.78 -3.85
N THR A 191 -11.46 17.22 -4.53
CA THR A 191 -12.04 15.95 -4.14
C THR A 191 -12.37 15.08 -5.37
N SER A 192 -12.21 13.77 -5.20
CA SER A 192 -12.62 12.79 -6.23
C SER A 192 -13.52 11.72 -5.56
N VAL A 193 -14.49 11.17 -6.30
CA VAL A 193 -15.29 10.07 -5.75
C VAL A 193 -15.42 9.11 -6.91
N ALA A 194 -15.19 7.82 -6.65
CA ALA A 194 -15.38 6.85 -7.70
C ALA A 194 -16.39 5.76 -7.20
N PHE A 195 -17.26 5.24 -8.08
CA PHE A 195 -18.22 4.16 -7.79
C PHE A 195 -17.81 2.97 -8.66
N PRO A 196 -18.09 1.78 -8.10
CA PRO A 196 -17.71 0.58 -8.80
C PRO A 196 -18.33 0.46 -10.17
N GLN A 197 -19.57 0.91 -10.34
CA GLN A 197 -20.22 0.83 -11.64
C GLN A 197 -20.67 2.25 -11.97
N ALA A 198 -20.11 2.77 -13.06
CA ALA A 198 -20.47 4.11 -13.50
C ALA A 198 -21.65 4.03 -14.50
N ASN A 199 -22.08 5.19 -14.98
CA ASN A 199 -23.12 5.28 -15.99
C ASN A 199 -22.47 4.51 -17.13
N ALA A 200 -23.12 3.44 -17.57
CA ALA A 200 -22.54 2.63 -18.63
C ALA A 200 -22.31 3.33 -19.94
N GLN A 201 -23.25 4.19 -20.26
CA GLN A 201 -23.15 4.87 -21.53
C GLN A 201 -21.99 5.82 -21.54
N GLN A 202 -21.92 6.59 -20.47
CA GLN A 202 -20.83 7.53 -20.33
C GLN A 202 -19.50 6.75 -20.22
N GLN A 203 -19.48 5.64 -19.46
CA GLN A 203 -18.28 4.86 -19.33
C GLN A 203 -17.93 4.32 -20.71
N ALA A 204 -18.92 3.85 -21.46
CA ALA A 204 -18.61 3.36 -22.80
C ALA A 204 -18.08 4.46 -23.73
N ARG A 205 -18.71 5.65 -23.73
CA ARG A 205 -18.20 6.72 -24.61
C ARG A 205 -16.78 7.13 -24.26
N ALA A 206 -16.57 7.35 -22.95
CA ALA A 206 -15.22 7.76 -22.52
C ALA A 206 -14.23 6.71 -22.96
N GLU A 207 -14.56 5.44 -22.72
CA GLU A 207 -13.57 4.45 -23.10
C GLU A 207 -13.39 4.48 -24.59
N GLU A 208 -14.47 4.77 -25.29
CA GLU A 208 -14.19 4.70 -26.71
C GLU A 208 -13.21 5.78 -27.19
N MET A 209 -13.39 6.97 -26.60
CA MET A 209 -12.57 8.13 -26.90
C MET A 209 -11.11 7.91 -26.49
N LEU A 210 -10.89 7.43 -25.26
CA LEU A 210 -9.50 7.21 -24.83
C LEU A 210 -8.76 6.10 -25.60
N SER A 211 -9.51 5.08 -25.99
CA SER A 211 -8.97 3.95 -26.73
C SER A 211 -8.55 4.52 -28.08
N ALA A 212 -9.42 5.36 -28.64
CA ALA A 212 -9.05 6.01 -29.93
C ALA A 212 -7.75 6.82 -29.83
N ILE A 213 -7.64 7.62 -28.79
CA ILE A 213 -6.43 8.39 -28.60
C ILE A 213 -5.13 7.55 -28.43
N MET A 214 -5.21 6.63 -27.45
CA MET A 214 -4.05 5.77 -27.12
C MET A 214 -3.59 4.96 -28.33
N GLN A 215 -4.57 4.49 -29.07
CA GLN A 215 -4.17 3.72 -30.21
C GLN A 215 -3.62 4.69 -31.28
N GLU A 216 -4.22 5.85 -31.50
CA GLU A 216 -3.68 6.73 -32.53
C GLU A 216 -2.27 7.04 -32.12
N LEU A 217 -2.04 7.30 -30.86
CA LEU A 217 -0.67 7.68 -30.51
C LEU A 217 0.31 6.53 -30.33
N GLY A 218 -0.23 5.32 -30.30
CA GLY A 218 0.67 4.20 -30.06
C GLY A 218 1.18 4.33 -28.62
N TYR A 219 0.37 4.87 -27.69
CA TYR A 219 0.72 5.04 -26.28
C TYR A 219 0.74 3.75 -25.44
N VAL A 220 1.77 3.64 -24.57
CA VAL A 220 1.99 2.52 -23.65
C VAL A 220 2.11 3.05 -22.21
N GLY A 221 1.20 2.64 -21.34
CA GLY A 221 1.27 3.10 -19.96
C GLY A 221 -0.08 3.67 -19.54
N VAL A 222 -0.06 4.35 -18.40
CA VAL A 222 -1.28 4.97 -17.94
C VAL A 222 -1.50 6.38 -18.53
N MET A 223 -2.77 6.65 -18.85
CA MET A 223 -3.19 7.96 -19.35
C MET A 223 -4.52 8.33 -18.68
N ALA A 224 -4.68 9.62 -18.42
CA ALA A 224 -5.91 10.10 -17.83
C ALA A 224 -6.56 11.07 -18.84
N MET A 225 -7.88 10.92 -18.99
CA MET A 225 -8.71 11.73 -19.87
C MET A 225 -9.76 12.43 -19.02
N GLU A 226 -9.59 13.74 -18.84
CA GLU A 226 -10.47 14.59 -18.06
C GLU A 226 -11.55 15.16 -19.00
N CYS A 227 -12.80 14.98 -18.58
CA CYS A 227 -13.92 15.45 -19.36
C CYS A 227 -14.89 16.33 -18.59
N PHE A 228 -15.86 16.94 -19.28
CA PHE A 228 -16.94 17.77 -18.73
C PHE A 228 -18.20 17.02 -19.16
N VAL A 229 -19.13 16.96 -18.22
CA VAL A 229 -20.44 16.34 -18.43
C VAL A 229 -21.32 17.52 -18.76
N THR A 230 -21.87 17.48 -19.96
CA THR A 230 -22.72 18.61 -20.35
C THR A 230 -24.03 17.99 -20.83
N PRO A 231 -24.94 18.83 -21.32
CA PRO A 231 -26.23 18.34 -21.82
C PRO A 231 -26.19 17.64 -23.19
N GLN A 232 -25.03 17.75 -23.84
CA GLN A 232 -24.85 17.11 -25.13
C GLN A 232 -23.87 15.96 -24.98
N GLY A 233 -23.56 15.66 -23.73
CA GLY A 233 -22.64 14.56 -23.45
C GLY A 233 -21.28 15.00 -22.94
N LEU A 234 -20.35 14.06 -23.06
CA LEU A 234 -19.07 14.42 -22.55
C LEU A 234 -18.24 15.15 -23.58
N LEU A 235 -17.46 16.09 -23.04
CA LEU A 235 -16.51 16.81 -23.87
C LEU A 235 -15.15 16.53 -23.24
N ILE A 236 -14.09 16.36 -24.00
CA ILE A 236 -12.80 16.11 -23.35
C ILE A 236 -12.28 17.48 -23.01
N ASN A 237 -11.74 17.52 -21.79
CA ASN A 237 -11.10 18.73 -21.26
C ASN A 237 -9.57 18.64 -21.61
N GLU A 238 -8.85 17.67 -21.06
CA GLU A 238 -7.44 17.58 -21.42
C GLU A 238 -6.97 16.18 -21.12
N LEU A 239 -5.73 15.84 -21.53
CA LEU A 239 -5.20 14.52 -21.28
C LEU A 239 -3.99 14.62 -20.37
N ALA A 240 -3.58 13.55 -19.69
CA ALA A 240 -2.34 13.58 -18.86
C ALA A 240 -1.73 12.24 -19.24
N PRO A 241 -0.56 12.31 -19.85
CA PRO A 241 0.12 11.11 -20.35
C PRO A 241 0.91 10.58 -19.17
N ARG A 242 0.22 10.14 -18.12
CA ARG A 242 0.89 9.68 -16.92
C ARG A 242 -0.20 9.34 -15.91
N VAL A 243 0.20 8.81 -14.76
CA VAL A 243 -0.69 8.61 -13.59
C VAL A 243 -1.19 10.05 -13.23
N HIS A 244 -2.44 10.16 -12.75
CA HIS A 244 -3.04 11.45 -12.50
C HIS A 244 -3.71 11.58 -11.13
N ASN A 245 -3.70 12.82 -10.63
CA ASN A 245 -4.30 13.05 -9.31
C ASN A 245 -5.68 12.41 -9.10
N SER A 246 -6.54 12.50 -10.09
CA SER A 246 -7.87 11.95 -9.90
C SER A 246 -7.80 10.40 -9.77
N GLY A 247 -6.69 9.72 -10.09
CA GLY A 247 -6.62 8.25 -9.93
C GLY A 247 -6.02 7.81 -8.59
N HIS A 248 -5.65 8.77 -7.74
CA HIS A 248 -5.07 8.35 -6.45
C HIS A 248 -5.92 7.38 -5.63
N TRP A 249 -7.24 7.51 -5.67
CA TRP A 249 -8.04 6.58 -4.87
C TRP A 249 -7.74 5.15 -5.23
N THR A 250 -7.20 4.92 -6.42
CA THR A 250 -6.94 3.52 -6.75
C THR A 250 -5.88 2.80 -5.86
N GLN A 251 -5.12 3.59 -5.08
CA GLN A 251 -4.11 2.99 -4.24
C GLN A 251 -4.78 2.09 -3.19
N ASN A 252 -5.97 2.50 -2.74
CA ASN A 252 -6.59 1.70 -1.71
C ASN A 252 -7.93 1.15 -2.20
N GLY A 253 -8.46 1.61 -3.33
CA GLY A 253 -9.81 1.17 -3.77
C GLY A 253 -9.94 0.31 -4.99
N ALA A 254 -8.78 -0.06 -5.48
CA ALA A 254 -8.80 -0.95 -6.65
C ALA A 254 -7.81 -2.06 -6.31
N SER A 255 -7.91 -3.22 -6.96
CA SER A 255 -6.92 -4.31 -6.71
C SER A 255 -5.50 -4.04 -7.26
N ILE A 256 -5.41 -3.15 -8.25
CA ILE A 256 -4.10 -2.80 -8.87
C ILE A 256 -4.19 -1.28 -8.95
N SER A 257 -3.22 -0.58 -8.36
CA SER A 257 -3.34 0.88 -8.39
C SER A 257 -2.82 1.43 -9.71
N GLN A 258 -3.16 2.71 -9.95
CA GLN A 258 -2.72 3.31 -11.20
C GLN A 258 -1.17 3.28 -11.28
N PHE A 259 -0.53 3.39 -10.11
CA PHE A 259 0.93 3.40 -10.09
C PHE A 259 1.45 2.02 -10.48
N GLU A 260 0.84 0.98 -9.95
CA GLU A 260 1.28 -0.38 -10.33
C GLU A 260 0.95 -0.66 -11.81
N LEU A 261 -0.20 -0.14 -12.23
CA LEU A 261 -0.62 -0.33 -13.63
C LEU A 261 0.38 0.31 -14.61
N HIS A 262 0.84 1.51 -14.27
CA HIS A 262 1.79 2.20 -15.12
C HIS A 262 3.10 1.43 -15.18
N LEU A 263 3.60 0.97 -14.03
CA LEU A 263 4.82 0.17 -14.07
C LEU A 263 4.63 -1.15 -14.84
N ARG A 264 3.48 -1.80 -14.70
CA ARG A 264 3.24 -3.04 -15.44
C ARG A 264 3.29 -2.81 -16.94
N ALA A 265 2.63 -1.76 -17.39
CA ALA A 265 2.56 -1.47 -18.84
C ALA A 265 3.92 -1.18 -19.41
N ILE A 266 4.65 -0.29 -18.77
CA ILE A 266 5.96 0.12 -19.26
C ILE A 266 7.06 -0.94 -19.20
N THR A 267 6.90 -1.89 -18.30
CA THR A 267 7.90 -2.96 -18.19
C THR A 267 7.38 -4.22 -18.88
N ASP A 268 6.26 -4.07 -19.59
CA ASP A 268 5.72 -5.25 -20.23
C ASP A 268 5.33 -6.38 -19.28
N LEU A 269 4.67 -6.05 -18.17
CA LEU A 269 4.21 -7.13 -17.31
C LEU A 269 2.73 -7.35 -17.58
N PRO A 270 2.10 -8.36 -16.97
CA PRO A 270 0.67 -8.55 -17.22
C PRO A 270 -0.19 -7.32 -16.88
N LEU A 271 -1.19 -7.09 -17.73
CA LEU A 271 -2.12 -5.96 -17.61
C LEU A 271 -3.61 -6.32 -17.47
N PRO A 272 -3.99 -7.12 -16.46
CA PRO A 272 -5.39 -7.49 -16.32
C PRO A 272 -6.27 -6.32 -15.87
N GLN A 273 -7.57 -6.44 -16.00
CA GLN A 273 -8.42 -5.33 -15.58
C GLN A 273 -8.45 -5.25 -14.07
N PRO A 274 -8.12 -4.10 -13.48
CA PRO A 274 -8.17 -4.03 -11.99
C PRO A 274 -9.62 -4.33 -11.48
N VAL A 275 -9.72 -4.97 -10.31
CA VAL A 275 -11.03 -5.23 -9.64
C VAL A 275 -11.39 -4.06 -8.70
N VAL A 276 -12.59 -3.51 -8.90
CA VAL A 276 -13.05 -2.39 -8.05
C VAL A 276 -14.43 -2.82 -7.57
N ASN A 277 -14.57 -3.03 -6.27
CA ASN A 277 -15.84 -3.44 -5.68
C ASN A 277 -16.61 -2.35 -4.97
N ASN A 278 -15.92 -1.42 -4.32
CA ASN A 278 -16.57 -0.37 -3.54
C ASN A 278 -16.25 1.05 -4.01
N PRO A 279 -17.00 2.01 -3.47
CA PRO A 279 -16.78 3.44 -3.81
C PRO A 279 -15.57 3.86 -2.97
N SER A 280 -14.92 4.90 -3.46
CA SER A 280 -13.79 5.49 -2.77
C SER A 280 -13.96 7.01 -2.83
N VAL A 281 -13.37 7.73 -1.87
CA VAL A 281 -13.40 9.20 -1.86
C VAL A 281 -11.95 9.60 -1.66
N MET A 282 -11.44 10.62 -2.35
CA MET A 282 -10.08 11.10 -2.18
C MET A 282 -10.24 12.57 -1.88
N ILE A 283 -9.57 13.01 -0.79
CA ILE A 283 -9.54 14.43 -0.38
C ILE A 283 -8.09 14.90 -0.64
N ASN A 284 -7.89 15.86 -1.53
CA ASN A 284 -6.54 16.37 -1.77
C ASN A 284 -6.12 17.29 -0.59
N LEU A 285 -4.84 17.26 -0.13
CA LEU A 285 -4.38 18.14 0.95
C LEU A 285 -3.56 19.22 0.20
N ILE A 286 -3.99 20.47 0.30
CA ILE A 286 -3.38 21.58 -0.39
C ILE A 286 -2.94 22.65 0.59
N GLY A 287 -1.63 22.87 0.66
CA GLY A 287 -1.02 23.88 1.52
C GLY A 287 -1.31 23.68 3.01
N SER A 288 -1.75 22.51 3.46
CA SER A 288 -2.07 22.29 4.88
C SER A 288 -1.05 21.40 5.58
N ASP A 289 -0.90 21.59 6.88
CA ASP A 289 0.00 20.73 7.60
C ASP A 289 -0.70 19.39 7.93
N VAL A 290 0.16 18.39 8.12
CA VAL A 290 -0.28 17.05 8.41
C VAL A 290 -0.95 17.14 9.78
N ASN A 291 -2.02 16.37 10.01
CA ASN A 291 -2.63 16.45 11.32
C ASN A 291 -2.95 15.03 11.65
N TYR A 292 -2.19 14.47 12.59
CA TYR A 292 -2.45 13.08 12.87
C TYR A 292 -3.80 12.77 13.47
N ASP A 293 -4.57 13.83 13.75
CA ASP A 293 -5.92 13.56 14.25
C ASP A 293 -6.74 12.79 13.17
N TRP A 294 -6.29 12.95 11.92
CA TRP A 294 -7.01 12.25 10.86
C TRP A 294 -6.98 10.74 11.06
N LEU A 295 -5.88 10.24 11.59
CA LEU A 295 -5.75 8.79 11.80
C LEU A 295 -6.67 8.27 12.89
N LYS A 296 -7.45 9.13 13.57
CA LYS A 296 -8.31 8.64 14.63
C LYS A 296 -9.51 7.96 13.91
N LEU A 297 -9.68 8.20 12.61
CA LEU A 297 -10.79 7.62 11.79
C LEU A 297 -10.19 6.42 11.06
N PRO A 298 -10.57 5.21 11.46
CA PRO A 298 -9.90 4.04 10.89
C PRO A 298 -9.95 3.77 9.40
N LEU A 299 -10.91 4.38 8.71
CA LEU A 299 -10.97 4.09 7.29
C LEU A 299 -10.03 5.10 6.61
N VAL A 300 -9.48 6.09 7.29
CA VAL A 300 -8.63 7.01 6.54
C VAL A 300 -7.24 6.50 6.19
N HIS A 301 -6.87 6.51 4.90
CA HIS A 301 -5.53 6.18 4.44
C HIS A 301 -4.82 7.52 4.19
N LEU A 302 -3.82 7.81 5.04
CA LEU A 302 -3.07 9.04 4.80
C LEU A 302 -1.91 8.78 3.79
N HIS A 303 -1.76 9.67 2.80
CA HIS A 303 -0.67 9.59 1.80
C HIS A 303 -0.02 10.99 1.82
N TRP A 304 0.98 11.15 2.68
CA TRP A 304 1.73 12.39 2.89
C TRP A 304 2.92 12.39 1.95
N TYR A 305 3.16 13.51 1.28
CA TYR A 305 4.21 13.48 0.28
C TYR A 305 5.59 13.86 0.72
N ASP A 306 5.66 14.31 1.96
CA ASP A 306 6.91 14.78 2.52
C ASP A 306 7.43 15.93 1.68
N LYS A 307 6.52 16.82 1.29
CA LYS A 307 6.92 17.98 0.48
C LYS A 307 6.86 19.22 1.35
N GLU A 308 7.48 20.34 0.95
CA GLU A 308 7.45 21.56 1.77
C GLU A 308 6.03 22.10 1.77
N VAL A 309 5.48 22.42 2.95
CA VAL A 309 4.10 22.89 3.05
C VAL A 309 4.02 24.43 2.91
N ARG A 310 3.34 24.80 1.84
CA ARG A 310 3.12 26.19 1.53
C ARG A 310 1.83 26.32 0.67
N PRO A 311 1.28 27.53 0.69
CA PRO A 311 0.09 27.80 -0.05
C PRO A 311 0.13 27.28 -1.47
N GLY A 312 -1.01 26.67 -1.80
CA GLY A 312 -1.33 26.16 -3.11
C GLY A 312 -0.56 24.94 -3.51
N ARG A 313 0.23 24.35 -2.61
CA ARG A 313 1.03 23.18 -2.96
C ARG A 313 0.24 21.90 -2.56
N LYS A 314 0.28 20.85 -3.35
CA LYS A 314 -0.37 19.57 -3.02
C LYS A 314 0.66 18.87 -2.16
N VAL A 315 0.24 18.62 -0.92
CA VAL A 315 1.10 18.00 0.10
C VAL A 315 0.80 16.55 0.54
N GLY A 316 -0.32 16.04 0.04
CA GLY A 316 -0.72 14.65 0.32
C GLY A 316 -2.19 14.49 -0.13
N HIS A 317 -2.75 13.32 0.21
CA HIS A 317 -4.18 13.11 -0.03
C HIS A 317 -4.65 12.12 1.02
N LEU A 318 -5.97 12.06 1.19
CA LEU A 318 -6.57 11.11 2.13
C LEU A 318 -7.53 10.26 1.27
N ASN A 319 -7.40 8.93 1.35
CA ASN A 319 -8.30 8.02 0.60
C ASN A 319 -9.13 7.29 1.62
N LEU A 320 -10.41 7.10 1.30
CA LEU A 320 -11.34 6.33 2.18
C LEU A 320 -12.19 5.38 1.32
N THR A 321 -12.31 4.12 1.67
CA THR A 321 -13.13 3.27 0.78
C THR A 321 -13.78 2.20 1.66
N ASP A 322 -15.01 1.82 1.34
CA ASP A 322 -15.67 0.85 2.18
C ASP A 322 -16.92 0.47 1.43
N SER A 323 -17.47 -0.70 1.74
CA SER A 323 -18.73 -1.10 1.10
C SER A 323 -19.92 -0.40 1.78
N ASP A 324 -19.74 -0.03 3.04
CA ASP A 324 -20.86 0.61 3.70
C ASP A 324 -20.69 2.10 3.47
N THR A 325 -21.60 2.71 2.71
CA THR A 325 -21.40 4.10 2.46
C THR A 325 -21.72 4.98 3.63
N SER A 326 -22.46 4.42 4.56
CA SER A 326 -22.81 5.25 5.71
C SER A 326 -21.50 5.47 6.44
N ARG A 327 -20.61 4.49 6.34
CA ARG A 327 -19.33 4.58 6.98
C ARG A 327 -18.62 5.71 6.35
N LEU A 328 -18.69 5.75 5.03
CA LEU A 328 -17.95 6.84 4.38
C LEU A 328 -18.45 8.22 4.77
N THR A 329 -19.76 8.36 4.70
CA THR A 329 -20.33 9.66 5.00
C THR A 329 -20.04 10.06 6.44
N ALA A 330 -20.09 9.04 7.28
CA ALA A 330 -19.81 9.31 8.67
C ALA A 330 -18.36 9.77 8.79
N THR A 331 -17.44 9.10 8.10
CA THR A 331 -16.02 9.52 8.24
C THR A 331 -15.77 10.91 7.65
N LEU A 332 -16.38 11.19 6.50
CA LEU A 332 -16.29 12.51 5.87
C LEU A 332 -16.83 13.52 6.88
N GLU A 333 -17.97 13.23 7.49
CA GLU A 333 -18.49 14.19 8.50
C GLU A 333 -17.47 14.51 9.60
N ALA A 334 -16.85 13.45 10.09
CA ALA A 334 -15.87 13.56 11.16
C ALA A 334 -14.60 14.28 10.77
N LEU A 335 -14.29 14.24 9.48
CA LEU A 335 -13.08 14.90 9.00
C LEU A 335 -13.21 16.42 8.93
N ILE A 336 -14.43 16.90 8.64
CA ILE A 336 -14.62 18.38 8.58
C ILE A 336 -14.00 19.21 9.72
N PRO A 337 -14.30 18.88 10.99
CA PRO A 337 -13.73 19.69 12.06
C PRO A 337 -12.24 19.42 12.22
N LEU A 338 -11.68 18.46 11.48
CA LEU A 338 -10.24 18.11 11.54
C LEU A 338 -9.48 18.72 10.36
N LEU A 339 -10.16 19.50 9.54
CA LEU A 339 -9.47 20.12 8.40
C LEU A 339 -9.68 21.64 8.42
N PRO A 340 -8.85 22.38 7.68
CA PRO A 340 -8.97 23.84 7.55
C PRO A 340 -10.34 24.08 6.91
N PRO A 341 -10.81 25.27 7.15
CA PRO A 341 -12.14 25.59 6.73
C PRO A 341 -12.42 25.49 5.29
N GLU A 342 -11.41 25.74 4.48
CA GLU A 342 -11.73 25.72 3.04
C GLU A 342 -12.03 24.32 2.58
N TYR A 343 -11.85 23.29 3.41
CA TYR A 343 -12.08 21.94 2.96
C TYR A 343 -13.53 21.49 3.04
N ALA A 344 -14.27 22.15 3.91
CA ALA A 344 -15.64 21.71 4.11
C ALA A 344 -16.51 21.53 2.87
N SER A 345 -16.46 22.51 1.96
CA SER A 345 -17.36 22.42 0.80
C SER A 345 -17.06 21.17 -0.04
N GLY A 346 -15.77 20.84 -0.22
CA GLY A 346 -15.37 19.68 -1.03
C GLY A 346 -15.75 18.36 -0.35
N VAL A 347 -15.56 18.37 0.97
CA VAL A 347 -15.89 17.16 1.73
C VAL A 347 -17.38 16.97 1.70
N ILE A 348 -18.14 18.06 1.84
CA ILE A 348 -19.58 17.94 1.83
C ILE A 348 -20.06 17.50 0.44
N TRP A 349 -19.40 18.00 -0.61
CA TRP A 349 -19.68 17.64 -1.98
C TRP A 349 -19.50 16.11 -2.14
N ALA A 350 -18.44 15.55 -1.58
CA ALA A 350 -18.28 14.09 -1.69
C ALA A 350 -19.40 13.40 -0.91
N GLN A 351 -19.70 13.80 0.34
CA GLN A 351 -20.75 13.18 1.13
C GLN A 351 -22.08 13.20 0.39
N SER A 352 -22.26 14.30 -0.33
CA SER A 352 -23.50 14.49 -1.09
C SER A 352 -23.69 13.38 -2.12
N LYS A 353 -22.63 12.92 -2.77
CA LYS A 353 -22.76 11.83 -3.74
C LYS A 353 -23.41 10.59 -3.19
N PHE A 354 -23.31 10.39 -1.90
CA PHE A 354 -23.97 9.18 -1.43
C PHE A 354 -25.33 9.42 -0.86
N GLY A 355 -26.02 10.44 -1.35
CA GLY A 355 -27.36 10.74 -0.84
C GLY A 355 -27.97 11.76 -1.80
N MET B 1 8.51 15.05 15.39
CA MET B 1 8.11 14.03 14.42
C MET B 1 8.41 12.57 14.71
N LYS B 2 7.94 11.88 13.68
CA LYS B 2 7.99 10.45 13.48
C LYS B 2 9.30 9.99 12.84
N GLN B 3 10.24 9.62 13.74
CA GLN B 3 11.49 9.06 13.27
C GLN B 3 11.64 7.70 13.97
N VAL B 4 11.75 6.58 13.25
CA VAL B 4 11.85 5.24 13.86
C VAL B 4 13.02 4.46 13.36
N CYS B 5 13.75 3.87 14.30
CA CYS B 5 14.87 3.02 13.94
C CYS B 5 14.39 1.57 14.22
N VAL B 6 14.64 0.64 13.31
CA VAL B 6 14.21 -0.74 13.54
C VAL B 6 15.46 -1.64 13.61
N LEU B 7 15.63 -2.33 14.74
CA LEU B 7 16.77 -3.24 14.91
C LEU B 7 16.41 -4.52 14.13
N GLY B 8 17.26 -4.85 13.16
CA GLY B 8 17.05 -6.02 12.32
C GLY B 8 16.84 -5.52 10.91
N ASN B 9 17.50 -6.17 9.98
CA ASN B 9 17.43 -5.76 8.58
C ASN B 9 16.63 -6.74 7.70
N GLY B 10 15.66 -7.51 8.18
CA GLY B 10 14.95 -8.47 7.34
C GLY B 10 13.67 -7.85 6.75
N GLN B 11 12.88 -8.65 6.04
CA GLN B 11 11.64 -8.18 5.43
C GLN B 11 10.64 -7.49 6.38
N LEU B 12 10.57 -7.92 7.65
CA LEU B 12 9.57 -7.24 8.51
C LEU B 12 9.93 -5.76 8.65
N GLY B 13 11.22 -5.48 8.87
CA GLY B 13 11.69 -4.08 9.00
C GLY B 13 11.40 -3.32 7.67
N ARG B 14 11.59 -3.99 6.52
CA ARG B 14 11.34 -3.35 5.23
C ARG B 14 9.84 -2.99 5.09
N MET B 15 8.96 -3.90 5.53
CA MET B 15 7.53 -3.69 5.36
C MET B 15 7.12 -2.63 6.32
N LEU B 16 7.80 -2.54 7.46
CA LEU B 16 7.47 -1.42 8.39
C LEU B 16 7.84 -0.06 7.77
N ARG B 17 9.01 0.00 7.15
CA ARG B 17 9.48 1.22 6.48
C ARG B 17 8.56 1.58 5.29
N GLN B 18 8.15 0.57 4.50
CA GLN B 18 7.20 0.85 3.44
C GLN B 18 5.87 1.41 4.01
N ALA B 19 5.45 0.86 5.15
CA ALA B 19 4.23 1.32 5.80
C ALA B 19 4.36 2.72 6.35
N GLY B 20 5.50 3.04 6.93
CA GLY B 20 5.57 4.39 7.51
C GLY B 20 5.67 5.57 6.51
N GLU B 21 6.28 5.26 5.36
CA GLU B 21 6.47 6.34 4.39
C GLU B 21 5.27 7.21 4.02
N PRO B 22 4.13 6.65 3.58
CA PRO B 22 2.97 7.52 3.26
C PRO B 22 2.41 8.13 4.54
N LEU B 23 2.75 7.64 5.75
CA LEU B 23 2.28 8.20 7.03
C LEU B 23 3.18 9.37 7.45
N GLY B 24 4.29 9.52 6.72
CA GLY B 24 5.24 10.58 7.04
C GLY B 24 6.18 10.15 8.18
N ILE B 25 6.25 8.84 8.34
CA ILE B 25 7.12 8.33 9.37
C ILE B 25 8.35 7.75 8.69
N ALA B 26 9.52 8.32 8.97
CA ALA B 26 10.79 7.80 8.42
C ALA B 26 11.27 6.65 9.32
N VAL B 27 11.42 5.51 8.67
CA VAL B 27 11.81 4.28 9.33
C VAL B 27 13.19 3.83 8.81
N TRP B 28 14.13 3.61 9.71
CA TRP B 28 15.50 3.21 9.40
C TRP B 28 15.76 1.80 9.94
N PRO B 29 15.70 0.76 9.10
CA PRO B 29 15.96 -0.60 9.59
C PRO B 29 17.46 -0.77 9.56
N VAL B 30 18.00 -1.32 10.65
CA VAL B 30 19.46 -1.49 10.75
C VAL B 30 19.91 -2.92 11.14
N GLY B 31 20.97 -3.41 10.50
CA GLY B 31 21.42 -4.76 10.80
C GLY B 31 22.30 -4.79 12.04
N LEU B 32 22.37 -5.96 12.67
CA LEU B 32 23.19 -6.01 13.89
C LEU B 32 24.66 -5.70 13.79
N ASP B 33 25.20 -5.85 12.58
CA ASP B 33 26.63 -5.62 12.25
C ASP B 33 26.92 -4.15 12.00
N ALA B 34 25.88 -3.33 12.05
CA ALA B 34 26.04 -1.91 11.77
C ALA B 34 26.81 -1.19 12.86
N GLU B 35 27.35 -0.05 12.42
CA GLU B 35 28.11 0.97 13.17
C GLU B 35 27.00 1.80 13.80
N PRO B 36 27.08 2.10 15.10
CA PRO B 36 26.06 2.88 15.80
C PRO B 36 25.84 4.28 15.24
N ALA B 37 26.80 4.65 14.39
CA ALA B 37 26.85 5.93 13.71
C ALA B 37 25.70 6.07 12.73
N ALA B 38 25.66 5.22 11.71
CA ALA B 38 24.62 5.28 10.71
C ALA B 38 23.22 5.03 11.27
N VAL B 39 23.11 5.03 12.59
CA VAL B 39 21.81 4.81 13.21
C VAL B 39 21.28 6.09 13.91
N PRO B 40 20.30 6.83 13.37
CA PRO B 40 19.79 8.04 14.07
C PRO B 40 19.11 7.69 15.39
N PHE B 41 19.76 6.83 16.18
CA PHE B 41 19.22 6.33 17.43
C PHE B 41 18.84 7.35 18.48
N GLN B 42 19.76 8.28 18.70
CA GLN B 42 19.58 9.35 19.69
C GLN B 42 18.39 10.30 19.47
N GLN B 43 17.78 10.24 18.29
CA GLN B 43 16.62 11.12 18.03
C GLN B 43 15.41 10.34 17.47
N SER B 44 15.37 9.03 17.67
CA SER B 44 14.32 8.16 17.12
C SER B 44 13.57 7.44 18.22
N VAL B 45 12.53 6.72 17.82
CA VAL B 45 11.79 5.88 18.76
C VAL B 45 12.47 4.65 18.23
N ILE B 46 12.92 3.78 19.15
CA ILE B 46 13.55 2.51 18.78
C ILE B 46 12.62 1.26 18.98
N THR B 47 12.61 0.40 17.95
CA THR B 47 11.85 -0.85 17.96
C THR B 47 12.70 -1.95 17.31
N ALA B 48 12.23 -3.20 17.29
CA ALA B 48 13.01 -4.29 16.70
C ALA B 48 12.06 -5.17 15.92
N GLU B 49 12.59 -5.78 14.89
CA GLU B 49 11.77 -6.72 14.11
C GLU B 49 12.35 -8.12 14.41
N ILE B 50 13.22 -8.22 15.41
CA ILE B 50 13.80 -9.51 15.78
C ILE B 50 13.57 -9.68 17.28
N GLU B 51 13.66 -10.93 17.73
CA GLU B 51 13.41 -11.25 19.14
C GLU B 51 14.56 -11.25 20.14
N ARG B 52 15.72 -11.62 19.63
CA ARG B 52 16.88 -11.60 20.54
C ARG B 52 18.13 -11.35 19.67
N TRP B 53 19.19 -10.89 20.31
CA TRP B 53 20.40 -10.58 19.53
C TRP B 53 21.47 -10.56 20.60
N PRO B 54 22.67 -10.76 20.11
CA PRO B 54 23.86 -10.71 20.96
C PRO B 54 24.21 -9.23 21.13
N GLU B 55 25.21 -9.02 21.98
CA GLU B 55 25.69 -7.66 22.19
C GLU B 55 26.56 -7.41 20.97
N THR B 56 26.38 -6.33 20.23
CA THR B 56 27.23 -6.06 19.07
C THR B 56 27.58 -4.60 19.31
N ALA B 57 28.43 -3.99 18.48
CA ALA B 57 28.76 -2.59 18.69
C ALA B 57 27.46 -1.79 18.73
N LEU B 58 26.66 -1.99 17.70
CA LEU B 58 25.37 -1.31 17.63
C LEU B 58 24.45 -1.59 18.83
N THR B 59 24.24 -2.85 19.17
CA THR B 59 23.28 -3.16 20.24
C THR B 59 23.55 -2.70 21.65
N ARG B 60 24.85 -2.68 21.93
CA ARG B 60 25.38 -2.27 23.22
C ARG B 60 24.83 -0.85 23.41
N GLN B 61 24.85 -0.07 22.34
CA GLN B 61 24.35 1.30 22.41
C GLN B 61 22.85 1.21 22.70
N LEU B 62 22.20 0.08 22.41
CA LEU B 62 20.77 0.09 22.69
C LEU B 62 20.33 -0.34 24.07
N ALA B 63 21.32 -0.85 24.78
CA ALA B 63 21.15 -1.31 26.15
C ALA B 63 20.78 -0.10 27.02
N ARG B 64 19.63 -0.28 27.66
CA ARG B 64 19.06 0.74 28.55
C ARG B 64 18.65 1.99 27.77
N HIS B 65 18.68 2.00 26.44
CA HIS B 65 18.30 3.22 25.74
C HIS B 65 16.81 3.49 26.00
N PRO B 66 16.53 4.61 26.66
CA PRO B 66 15.15 5.02 27.01
C PRO B 66 14.09 5.12 25.85
N ALA B 67 14.54 5.31 24.61
CA ALA B 67 13.65 5.37 23.46
C ALA B 67 13.30 3.99 22.89
N PHE B 68 13.89 2.93 23.43
CA PHE B 68 13.67 1.58 22.94
C PHE B 68 12.43 0.95 23.56
N VAL B 69 11.34 1.01 22.81
CA VAL B 69 10.07 0.50 23.33
C VAL B 69 10.10 -0.98 23.57
N ASN B 70 9.68 -1.40 24.76
CA ASN B 70 9.68 -2.82 25.12
C ASN B 70 11.04 -3.52 25.31
N ARG B 71 12.12 -2.75 25.33
CA ARG B 71 13.51 -3.18 25.50
C ARG B 71 13.60 -4.35 26.50
N ASP B 72 12.93 -4.19 27.64
CA ASP B 72 12.92 -5.14 28.75
C ASP B 72 11.99 -6.34 28.63
N VAL B 73 11.06 -6.30 27.68
CA VAL B 73 10.10 -7.39 27.49
C VAL B 73 10.71 -8.48 26.61
N PHE B 74 11.42 -8.03 25.58
CA PHE B 74 12.02 -9.04 24.68
C PHE B 74 12.64 -10.28 25.30
N PRO B 75 13.61 -10.04 26.18
CA PRO B 75 14.22 -11.20 26.82
C PRO B 75 13.24 -12.12 27.55
N ILE B 76 12.15 -11.60 28.12
CA ILE B 76 11.22 -12.48 28.84
C ILE B 76 10.63 -13.45 27.83
N ILE B 77 10.27 -12.92 26.68
CA ILE B 77 9.65 -13.74 25.65
C ILE B 77 10.67 -14.54 24.84
N ALA B 78 11.89 -14.02 24.65
CA ALA B 78 12.89 -14.71 23.86
C ALA B 78 13.29 -16.01 24.52
N ASP B 79 13.10 -16.16 25.82
CA ASP B 79 13.49 -17.50 26.32
C ASP B 79 12.19 -18.29 26.51
N ARG B 80 11.98 -19.35 25.75
CA ARG B 80 10.77 -20.15 25.93
C ARG B 80 10.45 -20.57 27.35
N LEU B 81 11.48 -20.82 28.14
CA LEU B 81 11.20 -21.17 29.52
C LEU B 81 10.43 -20.06 30.27
N THR B 82 10.87 -18.81 30.15
CA THR B 82 10.22 -17.72 30.83
C THR B 82 8.90 -17.35 30.17
N GLN B 83 8.83 -17.62 28.86
CA GLN B 83 7.61 -17.36 28.12
C GLN B 83 6.58 -18.38 28.62
N LYS B 84 6.90 -19.67 28.70
CA LYS B 84 5.91 -20.61 29.21
C LYS B 84 5.50 -20.28 30.66
N GLN B 85 6.48 -19.86 31.45
CA GLN B 85 6.22 -19.51 32.83
C GLN B 85 5.29 -18.31 32.89
N LEU B 86 5.41 -17.43 31.90
CA LEU B 86 4.46 -16.31 31.95
C LEU B 86 3.02 -16.80 31.74
N PHE B 87 2.80 -17.71 30.80
CA PHE B 87 1.45 -18.19 30.63
C PHE B 87 0.96 -18.87 31.91
N ASP B 88 1.86 -19.62 32.54
CA ASP B 88 1.47 -20.35 33.74
C ASP B 88 1.10 -19.41 34.87
N LYS B 89 1.89 -18.35 34.96
CA LYS B 89 1.70 -17.33 35.95
C LYS B 89 0.36 -16.62 35.71
N LEU B 90 -0.06 -16.50 34.46
CA LEU B 90 -1.33 -15.82 34.18
C LEU B 90 -2.45 -16.82 34.18
N HIS B 91 -2.13 -18.12 34.35
CA HIS B 91 -3.12 -19.20 34.32
C HIS B 91 -3.80 -19.29 32.96
N LEU B 92 -2.99 -19.16 31.93
CA LEU B 92 -3.49 -19.22 30.56
C LEU B 92 -3.24 -20.61 30.02
N PRO B 93 -4.21 -21.18 29.30
CA PRO B 93 -4.02 -22.53 28.77
C PRO B 93 -2.87 -22.67 27.80
N THR B 94 -2.03 -23.68 28.00
CA THR B 94 -0.88 -23.90 27.12
C THR B 94 -0.53 -25.38 27.24
N ALA B 95 0.25 -25.89 26.29
CA ALA B 95 0.59 -27.32 26.37
C ALA B 95 1.46 -27.58 27.60
N PRO B 96 1.18 -28.73 28.23
CA PRO B 96 1.88 -29.20 29.43
C PRO B 96 3.36 -29.24 29.09
N TRP B 97 4.25 -28.82 29.97
CA TRP B 97 5.63 -28.83 29.51
C TRP B 97 6.63 -28.86 30.67
N GLN B 98 7.92 -28.87 30.37
CA GLN B 98 8.93 -28.76 31.39
C GLN B 98 10.23 -28.49 30.73
N LEU B 99 11.10 -28.01 31.61
CA LEU B 99 12.47 -27.78 31.20
C LEU B 99 13.05 -29.18 30.90
N LEU B 100 13.75 -29.41 29.78
CA LEU B 100 14.34 -30.73 29.59
C LEU B 100 15.78 -30.58 30.02
N ALA B 101 16.02 -30.99 31.26
CA ALA B 101 17.32 -30.93 31.90
C ALA B 101 18.37 -32.02 31.65
N GLU B 102 17.95 -33.29 31.55
CA GLU B 102 18.87 -34.41 31.36
C GLU B 102 18.12 -35.63 30.84
N ARG B 103 18.93 -36.46 30.18
CA ARG B 103 18.39 -37.62 29.49
C ARG B 103 17.67 -38.50 30.47
N SER B 104 18.07 -38.35 31.72
CA SER B 104 17.50 -39.08 32.87
C SER B 104 15.99 -38.93 32.74
N GLU B 105 15.59 -37.70 32.50
CA GLU B 105 14.17 -37.36 32.47
C GLU B 105 13.21 -38.03 31.52
N TRP B 106 13.73 -38.61 30.46
CA TRP B 106 12.81 -39.16 29.51
C TRP B 106 11.58 -40.03 29.78
N PRO B 107 11.67 -40.97 30.71
CA PRO B 107 10.54 -41.84 30.97
C PRO B 107 9.38 -41.07 31.61
N ALA B 108 9.71 -40.24 32.58
CA ALA B 108 8.69 -39.42 33.24
C ALA B 108 8.08 -38.39 32.32
N VAL B 109 8.91 -37.98 31.38
CA VAL B 109 8.47 -36.95 30.48
C VAL B 109 7.45 -37.70 29.67
N PHE B 110 7.84 -38.88 29.22
CA PHE B 110 6.91 -39.61 28.38
C PHE B 110 5.67 -39.98 29.11
N ASP B 111 5.91 -40.40 30.34
CA ASP B 111 4.80 -40.82 31.17
C ASP B 111 3.75 -39.72 31.22
N ARG B 112 4.28 -38.53 31.52
CA ARG B 112 3.45 -37.34 31.68
C ARG B 112 2.95 -36.56 30.44
N LEU B 113 3.78 -36.42 29.40
CA LEU B 113 3.42 -35.67 28.20
C LEU B 113 2.72 -36.50 27.16
N GLY B 114 2.76 -37.82 27.33
CA GLY B 114 2.07 -38.66 26.38
C GLY B 114 3.11 -39.21 25.44
N GLU B 115 2.63 -39.87 24.39
CA GLU B 115 3.48 -40.49 23.38
C GLU B 115 4.44 -39.56 22.63
N LEU B 116 4.03 -38.38 22.18
CA LEU B 116 5.01 -37.58 21.45
C LEU B 116 5.44 -36.29 22.15
N ALA B 117 6.75 -36.13 22.27
CA ALA B 117 7.40 -34.99 22.91
C ALA B 117 7.97 -34.04 21.86
N ILE B 118 7.55 -32.78 22.02
CA ILE B 118 7.96 -31.67 21.16
C ILE B 118 9.02 -30.94 21.97
N VAL B 119 10.25 -31.02 21.48
CA VAL B 119 11.41 -30.40 22.15
C VAL B 119 11.68 -29.13 21.37
N LYS B 120 11.87 -28.03 22.09
CA LYS B 120 12.15 -26.76 21.42
C LYS B 120 13.25 -26.03 22.16
N ARG B 121 14.15 -25.45 21.37
CA ARG B 121 15.24 -24.65 21.92
C ARG B 121 14.59 -23.47 22.66
N ARG B 122 15.20 -23.20 23.84
CA ARG B 122 14.69 -22.11 24.66
C ARG B 122 14.83 -20.77 23.95
N THR B 123 15.90 -20.62 23.17
CA THR B 123 16.05 -19.34 22.46
C THR B 123 16.59 -19.69 21.10
N GLY B 124 16.38 -18.79 20.14
CA GLY B 124 16.92 -18.99 18.78
C GLY B 124 16.30 -20.03 17.82
N GLY B 125 15.06 -20.42 18.09
CA GLY B 125 14.29 -21.39 17.29
C GLY B 125 15.15 -22.33 16.46
N GLY B 130 15.22 -25.49 15.16
CA GLY B 130 15.21 -25.62 16.61
C GLY B 130 14.07 -26.40 17.31
N GLN B 131 13.62 -27.47 16.67
CA GLN B 131 12.53 -28.28 17.23
C GLN B 131 12.71 -29.72 16.77
N TRP B 132 12.35 -30.64 17.66
CA TRP B 132 12.39 -32.10 17.44
C TRP B 132 11.09 -32.62 18.04
N ARG B 133 10.59 -33.62 17.32
CA ARG B 133 9.36 -34.27 17.74
C ARG B 133 9.84 -35.69 17.98
N LEU B 134 9.79 -36.19 19.21
CA LEU B 134 10.31 -37.52 19.47
C LEU B 134 9.37 -38.49 20.21
N ARG B 135 9.57 -39.79 20.02
CA ARG B 135 8.76 -40.80 20.69
C ARG B 135 9.82 -41.48 21.54
N ALA B 136 9.42 -42.21 22.57
CA ALA B 136 10.37 -42.85 23.47
C ALA B 136 11.50 -43.69 22.86
N ASN B 137 11.25 -44.19 21.66
CA ASN B 137 12.28 -44.99 21.05
C ASN B 137 13.34 -44.11 20.40
N GLU B 138 12.95 -42.89 20.02
CA GLU B 138 13.81 -41.97 19.31
C GLU B 138 14.68 -40.96 20.04
N THR B 139 14.65 -40.98 21.35
CA THR B 139 15.43 -40.02 22.10
C THR B 139 16.94 -39.77 21.90
N GLU B 140 17.65 -40.73 21.28
CA GLU B 140 19.10 -40.56 21.05
C GLU B 140 19.42 -39.45 20.09
N GLN B 141 18.51 -39.32 19.13
CA GLN B 141 18.57 -38.30 18.11
C GLN B 141 18.61 -36.87 18.61
N LEU B 142 18.18 -36.65 19.85
CA LEU B 142 18.23 -35.27 20.32
C LEU B 142 19.67 -34.93 20.67
N PRO B 143 20.20 -33.85 20.11
CA PRO B 143 21.58 -33.53 20.47
C PRO B 143 21.73 -33.32 21.98
N ALA B 144 22.88 -33.78 22.44
CA ALA B 144 23.29 -33.68 23.82
C ALA B 144 23.31 -32.22 24.17
N GLU B 145 23.49 -31.34 23.17
CA GLU B 145 23.50 -29.89 23.45
C GLU B 145 22.20 -29.31 23.95
N CYS B 146 21.14 -30.04 23.63
CA CYS B 146 19.82 -29.59 24.05
C CYS B 146 19.53 -29.69 25.56
N TYR B 147 20.14 -30.62 26.28
CA TYR B 147 19.88 -30.81 27.71
C TYR B 147 20.17 -29.52 28.44
N GLY B 148 19.17 -28.99 29.14
CA GLY B 148 19.43 -27.74 29.87
C GLY B 148 19.08 -26.49 29.04
N GLU B 149 19.07 -26.63 27.71
CA GLU B 149 18.81 -25.54 26.75
C GLU B 149 17.47 -25.63 25.99
N CYS B 150 16.62 -26.63 26.26
CA CYS B 150 15.35 -26.78 25.58
C CYS B 150 14.25 -27.11 26.56
N ILE B 151 13.03 -26.79 26.13
CA ILE B 151 11.87 -27.15 26.94
C ILE B 151 11.31 -28.31 26.14
N VAL B 152 10.38 -29.04 26.74
CA VAL B 152 9.77 -30.14 26.02
C VAL B 152 8.28 -30.04 26.37
N GLU B 153 7.38 -30.31 25.44
CA GLU B 153 5.96 -30.23 25.78
C GLU B 153 5.17 -31.32 25.08
N GLN B 154 3.93 -31.42 25.54
CA GLN B 154 3.01 -32.37 24.94
C GLN B 154 2.75 -32.00 23.48
N GLY B 155 2.87 -32.96 22.58
CA GLY B 155 2.62 -32.68 21.18
C GLY B 155 1.10 -32.56 21.17
N ILE B 156 0.59 -31.42 20.72
CA ILE B 156 -0.85 -31.20 20.77
C ILE B 156 -1.55 -31.64 19.52
N ASN B 157 -2.61 -32.43 19.69
CA ASN B 157 -3.26 -32.84 18.44
C ASN B 157 -4.30 -31.80 18.05
N PHE B 158 -3.88 -30.65 17.56
CA PHE B 158 -4.93 -29.69 17.27
C PHE B 158 -5.69 -29.91 15.97
N SER B 159 -6.91 -29.39 15.90
CA SER B 159 -7.75 -29.45 14.70
C SER B 159 -7.30 -28.37 13.72
N GLY B 160 -6.66 -27.33 14.25
CA GLY B 160 -6.13 -26.27 13.40
C GLY B 160 -5.33 -25.32 14.26
N GLU B 161 -4.66 -24.38 13.61
CA GLU B 161 -3.88 -23.34 14.30
C GLU B 161 -4.42 -22.00 13.84
N VAL B 162 -4.45 -21.06 14.80
CA VAL B 162 -4.91 -19.70 14.52
C VAL B 162 -4.00 -18.77 15.31
N SER B 163 -3.89 -17.52 14.87
CA SER B 163 -3.11 -16.55 15.63
C SER B 163 -4.00 -15.30 15.74
N LEU B 164 -3.73 -14.61 16.84
CA LEU B 164 -4.42 -13.36 17.09
C LEU B 164 -3.32 -12.32 16.97
N VAL B 165 -3.55 -11.35 16.08
CA VAL B 165 -2.59 -10.24 15.95
C VAL B 165 -3.30 -9.04 16.59
N GLY B 166 -2.63 -8.28 17.45
CA GLY B 166 -3.39 -7.13 17.96
C GLY B 166 -2.32 -6.15 18.42
N ALA B 167 -2.69 -5.09 19.13
CA ALA B 167 -1.71 -4.12 19.58
C ALA B 167 -2.29 -3.49 20.84
N ARG B 168 -1.32 -2.99 21.60
CA ARG B 168 -1.65 -2.31 22.84
C ARG B 168 -0.93 -0.96 22.76
N GLY B 169 -1.64 0.08 23.20
CA GLY B 169 -1.09 1.46 23.18
C GLY B 169 -0.43 1.84 24.55
N PHE B 170 0.33 2.94 24.57
CA PHE B 170 0.96 3.37 25.83
C PHE B 170 -0.10 3.58 26.90
N ASP B 171 -1.35 3.81 26.52
CA ASP B 171 -2.39 4.07 27.50
C ASP B 171 -3.09 2.82 27.94
N GLY B 172 -2.65 1.72 27.36
CA GLY B 172 -3.30 0.46 27.75
C GLY B 172 -4.45 0.05 26.85
N SER B 173 -4.80 0.88 25.86
CA SER B 173 -5.94 0.55 24.98
C SER B 173 -5.51 -0.62 24.13
N THR B 174 -6.43 -1.44 23.65
CA THR B 174 -6.01 -2.59 22.81
C THR B 174 -6.94 -2.71 21.62
N VAL B 175 -6.45 -3.26 20.51
CA VAL B 175 -7.23 -3.39 19.26
C VAL B 175 -6.69 -4.63 18.66
N PHE B 176 -7.58 -5.31 17.92
CA PHE B 176 -7.24 -6.61 17.36
C PHE B 176 -7.79 -6.87 15.97
N TYR B 177 -7.13 -7.80 15.29
CA TYR B 177 -7.65 -8.22 14.01
C TYR B 177 -8.40 -9.52 14.29
N PRO B 178 -9.28 -9.91 13.36
CA PRO B 178 -10.02 -11.18 13.48
C PRO B 178 -8.94 -12.27 13.56
N LEU B 179 -9.24 -13.42 14.14
CA LEU B 179 -8.24 -14.47 14.19
C LEU B 179 -7.81 -14.88 12.80
N THR B 180 -6.59 -15.37 12.59
CA THR B 180 -6.18 -15.79 11.25
C THR B 180 -5.91 -17.29 11.29
N HIS B 181 -6.34 -18.10 10.32
CA HIS B 181 -6.04 -19.52 10.34
C HIS B 181 -4.70 -19.67 9.65
N ASN B 182 -3.80 -20.49 10.19
CA ASN B 182 -2.48 -20.68 9.59
C ASN B 182 -2.18 -22.18 9.43
N LEU B 183 -1.50 -22.42 8.33
CA LEU B 183 -1.08 -23.79 8.00
C LEU B 183 0.45 -23.77 7.88
N HIS B 184 1.08 -24.69 8.61
CA HIS B 184 2.51 -24.82 8.61
C HIS B 184 2.83 -26.20 7.98
N GLN B 185 3.87 -26.27 7.15
CA GLN B 185 4.34 -27.50 6.54
C GLN B 185 5.86 -27.49 6.77
N ASP B 186 6.35 -28.57 7.37
CA ASP B 186 7.76 -28.66 7.72
C ASP B 186 8.23 -27.51 8.65
N GLY B 187 7.33 -27.26 9.60
CA GLY B 187 7.48 -26.28 10.65
C GLY B 187 7.38 -24.85 10.15
N ILE B 188 7.26 -24.60 8.84
CA ILE B 188 7.18 -23.22 8.36
C ILE B 188 5.80 -22.79 7.82
N LEU B 189 5.43 -21.55 8.11
CA LEU B 189 4.14 -21.06 7.65
C LEU B 189 4.06 -21.05 6.13
N ARG B 190 3.03 -21.68 5.57
CA ARG B 190 2.84 -21.71 4.12
C ARG B 190 1.64 -20.88 3.69
N THR B 191 0.57 -20.91 4.50
CA THR B 191 -0.66 -20.21 4.10
C THR B 191 -1.46 -19.68 5.29
N SER B 192 -2.14 -18.56 5.10
CA SER B 192 -2.95 -18.01 6.16
C SER B 192 -4.27 -17.59 5.50
N VAL B 193 -5.35 -17.64 6.26
CA VAL B 193 -6.66 -17.20 5.80
C VAL B 193 -7.35 -16.45 6.95
N ALA B 194 -7.91 -15.28 6.71
CA ALA B 194 -8.63 -14.61 7.80
C ALA B 194 -10.07 -14.28 7.31
N PHE B 195 -11.09 -14.42 8.16
CA PHE B 195 -12.45 -14.06 7.83
C PHE B 195 -12.76 -12.88 8.75
N PRO B 196 -13.61 -12.02 8.20
CA PRO B 196 -13.99 -10.78 8.91
C PRO B 196 -14.69 -11.10 10.24
N GLN B 197 -15.42 -12.19 10.35
CA GLN B 197 -16.06 -12.59 11.61
C GLN B 197 -15.49 -13.96 11.97
N ALA B 198 -14.72 -14.04 13.06
CA ALA B 198 -14.25 -15.36 13.42
C ALA B 198 -15.31 -15.97 14.42
N ASN B 199 -15.03 -17.22 14.83
CA ASN B 199 -15.82 -17.99 15.78
C ASN B 199 -15.87 -17.04 16.97
N ALA B 200 -17.06 -16.70 17.41
CA ALA B 200 -17.05 -15.72 18.48
C ALA B 200 -16.48 -16.08 19.85
N GLN B 201 -16.60 -17.34 20.19
CA GLN B 201 -16.06 -17.79 21.47
C GLN B 201 -14.55 -17.77 21.35
N GLN B 202 -14.05 -18.25 20.21
CA GLN B 202 -12.61 -18.26 20.01
C GLN B 202 -12.07 -16.87 20.03
N GLN B 203 -12.68 -15.99 19.27
CA GLN B 203 -12.15 -14.66 19.28
C GLN B 203 -12.09 -14.04 20.68
N ALA B 204 -13.21 -14.20 21.37
CA ALA B 204 -13.28 -13.62 22.70
C ALA B 204 -12.17 -14.23 23.55
N ARG B 205 -12.01 -15.55 23.49
CA ARG B 205 -11.01 -16.21 24.32
C ARG B 205 -9.64 -15.61 24.05
N ALA B 206 -9.27 -15.59 22.76
CA ALA B 206 -7.96 -15.05 22.36
C ALA B 206 -7.74 -13.59 22.80
N GLU B 207 -8.72 -12.71 22.55
CA GLU B 207 -8.53 -11.33 22.93
C GLU B 207 -8.39 -11.24 24.46
N GLU B 208 -9.09 -12.06 25.23
CA GLU B 208 -8.87 -11.90 26.64
C GLU B 208 -7.48 -12.39 27.04
N MET B 209 -6.96 -13.46 26.45
CA MET B 209 -5.62 -13.92 26.87
C MET B 209 -4.54 -12.98 26.39
N LEU B 210 -4.68 -12.51 25.15
CA LEU B 210 -3.63 -11.61 24.66
C LEU B 210 -3.64 -10.25 25.40
N SER B 211 -4.83 -9.75 25.72
CA SER B 211 -4.92 -8.52 26.48
C SER B 211 -4.25 -8.66 27.82
N ALA B 212 -4.51 -9.83 28.39
CA ALA B 212 -3.95 -10.10 29.70
C ALA B 212 -2.40 -10.15 29.65
N ILE B 213 -1.85 -10.80 28.63
CA ILE B 213 -0.41 -10.86 28.51
C ILE B 213 0.14 -9.45 28.23
N MET B 214 -0.50 -8.73 27.30
CA MET B 214 0.06 -7.38 27.02
C MET B 214 0.00 -6.43 28.22
N GLN B 215 -1.02 -6.62 29.03
CA GLN B 215 -1.14 -5.76 30.20
C GLN B 215 -0.06 -6.16 31.18
N GLU B 216 0.08 -7.45 31.38
CA GLU B 216 1.08 -7.96 32.29
C GLU B 216 2.50 -7.49 31.96
N LEU B 217 2.84 -7.50 30.68
CA LEU B 217 4.17 -7.09 30.28
C LEU B 217 4.33 -5.60 30.13
N GLY B 218 3.23 -4.86 30.15
CA GLY B 218 3.28 -3.43 29.93
C GLY B 218 3.67 -3.21 28.46
N TYR B 219 3.32 -4.14 27.59
CA TYR B 219 3.74 -4.07 26.18
C TYR B 219 3.10 -3.00 25.31
N VAL B 220 3.81 -2.33 24.41
CA VAL B 220 3.16 -1.27 23.59
C VAL B 220 3.55 -1.58 22.15
N GLY B 221 2.62 -1.78 21.22
CA GLY B 221 3.09 -2.14 19.88
C GLY B 221 2.30 -3.35 19.43
N VAL B 222 2.63 -3.94 18.27
CA VAL B 222 1.92 -5.13 17.80
C VAL B 222 2.53 -6.40 18.40
N MET B 223 1.64 -7.34 18.76
CA MET B 223 2.11 -8.62 19.30
C MET B 223 1.23 -9.67 18.65
N ALA B 224 1.76 -10.86 18.35
CA ALA B 224 0.98 -11.95 17.77
C ALA B 224 0.98 -13.12 18.77
N MET B 225 -0.16 -13.80 18.97
CA MET B 225 -0.22 -14.93 19.89
C MET B 225 -0.67 -16.10 19.00
N GLU B 226 0.15 -17.13 18.79
CA GLU B 226 -0.21 -18.27 17.96
C GLU B 226 -0.82 -19.26 18.92
N CYS B 227 -1.90 -19.87 18.47
CA CYS B 227 -2.60 -20.85 19.29
C CYS B 227 -2.97 -22.10 18.52
N PHE B 228 -3.36 -23.09 19.29
CA PHE B 228 -3.81 -24.37 18.76
C PHE B 228 -5.33 -24.48 19.11
N VAL B 229 -6.14 -24.93 18.15
CA VAL B 229 -7.57 -25.06 18.39
C VAL B 229 -7.79 -26.48 18.89
N THR B 230 -8.39 -26.65 20.06
CA THR B 230 -8.60 -28.02 20.56
C THR B 230 -10.02 -28.03 21.07
N PRO B 231 -10.51 -29.21 21.42
CA PRO B 231 -11.88 -29.37 21.94
C PRO B 231 -12.16 -28.57 23.18
N GLN B 232 -11.13 -28.32 23.96
CA GLN B 232 -11.25 -27.54 25.20
C GLN B 232 -11.11 -26.06 24.98
N GLY B 233 -10.71 -25.67 23.77
CA GLY B 233 -10.53 -24.25 23.43
C GLY B 233 -9.15 -24.13 22.83
N LEU B 234 -8.74 -22.86 22.87
CA LEU B 234 -7.43 -22.47 22.39
C LEU B 234 -6.42 -22.71 23.51
N LEU B 235 -5.27 -23.20 23.07
CA LEU B 235 -4.10 -23.32 23.94
C LEU B 235 -3.09 -22.36 23.27
N ILE B 236 -2.32 -21.61 24.06
CA ILE B 236 -1.31 -20.75 23.48
C ILE B 236 -0.05 -21.55 23.12
N ASN B 237 0.36 -21.42 21.86
CA ASN B 237 1.60 -22.06 21.39
C ASN B 237 2.78 -21.10 21.75
N GLU B 238 2.80 -19.89 21.17
CA GLU B 238 3.92 -18.97 21.46
C GLU B 238 3.55 -17.54 21.10
N LEU B 239 4.36 -16.58 21.59
CA LEU B 239 4.14 -15.16 21.32
C LEU B 239 5.27 -14.64 20.40
N ALA B 240 4.99 -13.54 19.69
CA ALA B 240 5.94 -12.85 18.79
C ALA B 240 5.74 -11.40 19.20
N PRO B 241 6.77 -10.83 19.84
CA PRO B 241 6.65 -9.42 20.29
C PRO B 241 6.97 -8.50 19.11
N ARG B 242 6.12 -8.56 18.08
CA ARG B 242 6.35 -7.78 16.87
C ARG B 242 5.30 -8.18 15.82
N VAL B 243 5.34 -7.45 14.71
CA VAL B 243 4.50 -7.80 13.56
C VAL B 243 4.89 -9.27 13.27
N HIS B 244 3.99 -10.09 12.72
CA HIS B 244 4.25 -11.53 12.50
C HIS B 244 3.76 -11.94 11.13
N ASN B 245 4.40 -12.95 10.55
CA ASN B 245 4.13 -13.47 9.19
C ASN B 245 2.62 -13.75 9.02
N SER B 246 1.97 -14.23 10.08
CA SER B 246 0.54 -14.52 9.88
C SER B 246 -0.33 -13.32 9.62
N GLY B 247 0.12 -12.12 9.98
CA GLY B 247 -0.66 -10.90 9.79
C GLY B 247 -0.33 -10.17 8.49
N HIS B 248 0.44 -10.77 7.61
CA HIS B 248 0.72 -10.00 6.41
C HIS B 248 -0.51 -9.67 5.61
N TRP B 249 -1.52 -10.51 5.67
CA TRP B 249 -2.69 -10.20 4.88
C TRP B 249 -3.27 -8.83 5.17
N THR B 250 -2.94 -8.30 6.35
CA THR B 250 -3.50 -7.01 6.72
C THR B 250 -3.03 -5.87 5.82
N GLN B 251 -1.94 -6.09 5.07
CA GLN B 251 -1.45 -5.01 4.20
C GLN B 251 -2.54 -4.70 3.18
N ASN B 252 -3.25 -5.72 2.71
CA ASN B 252 -4.25 -5.35 1.72
C ASN B 252 -5.70 -5.63 2.15
N GLY B 253 -5.88 -6.35 3.27
CA GLY B 253 -7.19 -6.78 3.75
C GLY B 253 -7.68 -6.10 5.00
N ALA B 254 -7.01 -5.07 5.48
CA ALA B 254 -7.52 -4.33 6.66
C ALA B 254 -7.34 -2.85 6.35
N SER B 255 -8.16 -1.99 6.97
CA SER B 255 -8.01 -0.54 6.72
C SER B 255 -6.69 0.02 7.31
N ILE B 256 -6.12 -0.72 8.27
CA ILE B 256 -4.84 -0.34 8.88
C ILE B 256 -4.02 -1.66 8.95
N SER B 257 -2.83 -1.69 8.34
CA SER B 257 -2.07 -2.92 8.41
C SER B 257 -1.35 -3.06 9.75
N GLN B 258 -0.94 -4.30 10.02
CA GLN B 258 -0.21 -4.60 11.26
C GLN B 258 1.05 -3.72 11.29
N PHE B 259 1.60 -3.39 10.12
CA PHE B 259 2.82 -2.55 10.04
C PHE B 259 2.51 -1.12 10.49
N GLU B 260 1.41 -0.59 9.98
CA GLU B 260 1.02 0.78 10.32
C GLU B 260 0.60 0.74 11.76
N LEU B 261 -0.10 -0.34 12.11
CA LEU B 261 -0.54 -0.33 13.52
C LEU B 261 0.63 -0.28 14.53
N HIS B 262 1.66 -1.07 14.24
CA HIS B 262 2.82 -1.13 15.11
C HIS B 262 3.45 0.26 15.21
N LEU B 263 3.56 0.91 14.05
CA LEU B 263 4.15 2.27 14.04
C LEU B 263 3.30 3.24 14.82
N ARG B 264 1.99 3.13 14.64
CA ARG B 264 1.13 4.08 15.37
C ARG B 264 1.33 3.90 16.86
N ALA B 265 1.33 2.63 17.28
CA ALA B 265 1.47 2.39 18.72
C ALA B 265 2.73 2.96 19.40
N ILE B 266 3.87 2.64 18.79
CA ILE B 266 5.11 3.04 19.40
C ILE B 266 5.43 4.52 19.29
N THR B 267 4.75 5.25 18.40
CA THR B 267 5.00 6.70 18.25
C THR B 267 3.86 7.45 18.91
N ASP B 268 2.97 6.70 19.54
CA ASP B 268 1.81 7.27 20.23
C ASP B 268 0.83 8.06 19.35
N LEU B 269 0.56 7.50 18.18
CA LEU B 269 -0.44 8.08 17.28
C LEU B 269 -1.74 7.30 17.57
N PRO B 270 -2.81 7.76 16.92
CA PRO B 270 -4.13 7.18 17.10
C PRO B 270 -4.12 5.70 16.78
N LEU B 271 -4.80 4.96 17.65
CA LEU B 271 -4.88 3.54 17.54
C LEU B 271 -6.33 3.03 17.52
N PRO B 272 -7.10 3.45 16.52
CA PRO B 272 -8.45 2.92 16.42
C PRO B 272 -8.44 1.48 15.93
N GLN B 273 -9.57 0.82 16.06
CA GLN B 273 -9.69 -0.58 15.63
C GLN B 273 -9.61 -0.66 14.12
N PRO B 274 -8.79 -1.53 13.53
CA PRO B 274 -8.72 -1.59 12.06
C PRO B 274 -10.04 -2.14 11.49
N VAL B 275 -10.49 -1.73 10.31
CA VAL B 275 -11.71 -2.21 9.73
C VAL B 275 -11.44 -3.40 8.85
N VAL B 276 -12.12 -4.53 9.06
CA VAL B 276 -11.86 -5.70 8.18
C VAL B 276 -13.25 -6.12 7.66
N ASN B 277 -13.46 -6.03 6.34
CA ASN B 277 -14.81 -6.35 5.81
C ASN B 277 -14.89 -7.64 5.01
N ASN B 278 -13.80 -8.01 4.35
CA ASN B 278 -13.77 -9.25 3.53
C ASN B 278 -12.71 -10.20 4.03
N PRO B 279 -12.75 -11.38 3.41
CA PRO B 279 -11.74 -12.39 3.80
C PRO B 279 -10.48 -12.11 3.00
N SER B 280 -9.36 -12.66 3.45
CA SER B 280 -8.12 -12.52 2.73
C SER B 280 -7.41 -13.85 2.86
N VAL B 281 -6.54 -14.09 1.91
CA VAL B 281 -5.69 -15.26 1.96
C VAL B 281 -4.24 -14.77 1.64
N MET B 282 -3.26 -15.36 2.32
CA MET B 282 -1.86 -15.06 2.12
C MET B 282 -1.15 -16.37 1.83
N ILE B 283 -0.33 -16.37 0.78
CA ILE B 283 0.49 -17.52 0.38
C ILE B 283 1.95 -17.06 0.53
N ASN B 284 2.68 -17.78 1.40
CA ASN B 284 4.10 -17.42 1.58
C ASN B 284 4.92 -17.93 0.41
N LEU B 285 5.90 -17.14 -0.03
CA LEU B 285 6.75 -17.58 -1.14
C LEU B 285 8.06 -17.90 -0.35
N ILE B 286 8.48 -19.15 -0.54
CA ILE B 286 9.62 -19.77 0.14
C ILE B 286 10.53 -20.46 -0.87
N GLY B 287 11.78 -19.99 -0.92
CA GLY B 287 12.77 -20.56 -1.85
C GLY B 287 12.47 -20.54 -3.35
N SER B 288 11.49 -19.74 -3.76
CA SER B 288 11.02 -19.60 -5.15
C SER B 288 11.39 -18.29 -5.80
N ASP B 289 11.58 -18.35 -7.10
CA ASP B 289 11.96 -17.12 -7.78
C ASP B 289 10.66 -16.42 -8.12
N VAL B 290 10.81 -15.10 -8.30
CA VAL B 290 9.63 -14.31 -8.66
C VAL B 290 9.11 -14.74 -10.03
N ASN B 291 7.79 -14.86 -10.12
CA ASN B 291 7.13 -15.24 -11.35
C ASN B 291 6.03 -14.19 -11.66
N TYR B 292 6.36 -13.28 -12.55
CA TYR B 292 5.36 -12.26 -12.82
C TYR B 292 4.02 -12.73 -13.46
N ASP B 293 4.01 -14.01 -13.80
CA ASP B 293 2.81 -14.60 -14.37
C ASP B 293 1.76 -14.49 -13.28
N TRP B 294 2.25 -14.51 -12.04
CA TRP B 294 1.20 -14.40 -11.01
C TRP B 294 0.34 -13.17 -11.16
N LEU B 295 0.94 -12.11 -11.69
CA LEU B 295 0.20 -10.86 -11.81
C LEU B 295 -0.79 -10.89 -12.93
N LYS B 296 -0.97 -12.04 -13.58
CA LYS B 296 -2.04 -12.03 -14.60
C LYS B 296 -3.41 -12.04 -13.93
N LEU B 297 -3.49 -12.48 -12.67
CA LEU B 297 -4.72 -12.61 -11.89
C LEU B 297 -4.88 -11.27 -11.13
N PRO B 298 -5.88 -10.45 -11.47
CA PRO B 298 -5.95 -9.12 -10.86
C PRO B 298 -6.06 -8.96 -9.36
N LEU B 299 -6.61 -9.99 -8.67
CA LEU B 299 -6.69 -9.95 -7.20
C LEU B 299 -5.32 -10.14 -6.49
N VAL B 300 -4.32 -10.66 -7.19
CA VAL B 300 -3.01 -10.93 -6.60
C VAL B 300 -2.19 -9.71 -6.26
N HIS B 301 -1.85 -9.55 -4.97
CA HIS B 301 -0.97 -8.46 -4.51
C HIS B 301 0.36 -9.16 -4.22
N LEU B 302 1.39 -8.87 -5.00
CA LEU B 302 2.73 -9.48 -4.80
C LEU B 302 3.51 -8.59 -3.81
N HIS B 303 4.17 -9.22 -2.83
CA HIS B 303 5.02 -8.54 -1.87
C HIS B 303 6.33 -9.31 -1.91
N TRP B 304 7.24 -8.78 -2.74
CA TRP B 304 8.57 -9.39 -2.92
C TRP B 304 9.58 -8.76 -1.96
N TYR B 305 10.41 -9.57 -1.29
CA TYR B 305 11.33 -8.99 -0.30
C TYR B 305 12.67 -8.53 -0.80
N ASP B 306 12.96 -8.86 -2.04
CA ASP B 306 14.23 -8.53 -2.65
C ASP B 306 15.38 -9.19 -1.90
N LYS B 307 15.18 -10.42 -1.48
CA LYS B 307 16.19 -11.16 -0.76
C LYS B 307 16.73 -12.18 -1.79
N GLU B 308 17.89 -12.76 -1.53
CA GLU B 308 18.40 -13.74 -2.48
C GLU B 308 17.59 -15.05 -2.40
N VAL B 309 17.15 -15.57 -3.54
CA VAL B 309 16.35 -16.79 -3.41
C VAL B 309 17.23 -17.98 -2.96
N ARG B 310 16.93 -18.60 -1.84
CA ARG B 310 17.64 -19.80 -1.38
C ARG B 310 16.54 -20.72 -0.86
N PRO B 311 16.83 -22.02 -0.85
CA PRO B 311 15.86 -23.03 -0.37
C PRO B 311 15.44 -22.79 1.06
N GLY B 312 14.14 -22.88 1.26
CA GLY B 312 13.62 -22.69 2.61
C GLY B 312 13.64 -21.22 3.01
N ARG B 313 14.00 -20.31 2.10
CA ARG B 313 14.00 -18.91 2.51
C ARG B 313 12.67 -18.17 2.20
N LYS B 314 12.20 -17.34 3.13
CA LYS B 314 10.98 -16.57 2.86
C LYS B 314 11.44 -15.44 2.01
N VAL B 315 10.93 -15.49 0.80
CA VAL B 315 11.29 -14.52 -0.21
C VAL B 315 10.22 -13.44 -0.55
N GLY B 316 9.00 -13.72 -0.12
CA GLY B 316 7.88 -12.83 -0.39
C GLY B 316 6.59 -13.53 0.03
N HIS B 317 5.47 -12.89 -0.34
CA HIS B 317 4.15 -13.46 -0.07
C HIS B 317 3.20 -12.83 -1.07
N LEU B 318 2.07 -13.52 -1.28
CA LEU B 318 1.00 -13.05 -2.19
C LEU B 318 -0.24 -12.88 -1.30
N ASN B 319 -0.92 -11.73 -1.40
CA ASN B 319 -2.14 -11.55 -0.61
C ASN B 319 -3.28 -11.47 -1.64
N LEU B 320 -4.45 -11.97 -1.27
CA LEU B 320 -5.62 -11.88 -2.16
C LEU B 320 -6.79 -11.53 -1.23
N THR B 321 -7.62 -10.52 -1.55
CA THR B 321 -8.78 -10.21 -0.71
C THR B 321 -9.97 -9.90 -1.63
N ASP B 322 -11.20 -10.16 -1.20
CA ASP B 322 -12.30 -9.83 -2.08
C ASP B 322 -13.57 -10.09 -1.33
N SER B 323 -14.60 -9.30 -1.60
CA SER B 323 -15.85 -9.58 -0.94
C SER B 323 -16.44 -10.73 -1.77
N ASP B 324 -16.10 -10.91 -3.04
CA ASP B 324 -16.65 -12.02 -3.85
C ASP B 324 -15.81 -13.27 -3.61
N THR B 325 -16.33 -14.14 -2.76
CA THR B 325 -15.55 -15.32 -2.44
C THR B 325 -15.47 -16.34 -3.58
N SER B 326 -16.44 -16.34 -4.50
CA SER B 326 -16.34 -17.27 -5.63
C SER B 326 -15.18 -16.78 -6.47
N ARG B 327 -15.07 -15.46 -6.65
CA ARG B 327 -13.97 -14.87 -7.42
C ARG B 327 -12.63 -15.19 -6.74
N LEU B 328 -12.64 -15.10 -5.43
CA LEU B 328 -11.41 -15.36 -4.70
C LEU B 328 -10.93 -16.80 -4.82
N THR B 329 -11.84 -17.74 -4.62
CA THR B 329 -11.31 -19.11 -4.69
C THR B 329 -11.01 -19.50 -6.13
N ALA B 330 -11.73 -18.88 -7.07
CA ALA B 330 -11.45 -19.15 -8.47
C ALA B 330 -10.05 -18.67 -8.75
N THR B 331 -9.65 -17.55 -8.14
CA THR B 331 -8.29 -17.03 -8.40
C THR B 331 -7.23 -18.00 -7.84
N LEU B 332 -7.53 -18.48 -6.64
CA LEU B 332 -6.60 -19.41 -6.01
C LEU B 332 -6.43 -20.59 -6.93
N GLU B 333 -7.56 -21.00 -7.49
CA GLU B 333 -7.47 -22.14 -8.39
C GLU B 333 -6.54 -21.92 -9.61
N ALA B 334 -6.64 -20.71 -10.14
CA ALA B 334 -5.88 -20.29 -11.29
C ALA B 334 -4.41 -20.11 -10.91
N LEU B 335 -4.18 -19.82 -9.63
CA LEU B 335 -2.80 -19.62 -9.20
C LEU B 335 -1.96 -20.84 -9.04
N ILE B 336 -2.69 -21.89 -8.67
CA ILE B 336 -2.02 -23.15 -8.44
C ILE B 336 -1.01 -23.48 -9.52
N PRO B 337 -1.45 -23.56 -10.77
CA PRO B 337 -0.52 -23.94 -11.81
C PRO B 337 0.57 -22.92 -12.08
N LEU B 338 0.42 -21.73 -11.51
CA LEU B 338 1.45 -20.70 -11.73
C LEU B 338 2.51 -20.80 -10.64
N LEU B 339 2.31 -21.67 -9.66
CA LEU B 339 3.30 -21.81 -8.60
C LEU B 339 3.98 -23.19 -8.69
N PRO B 340 5.16 -23.34 -8.08
CA PRO B 340 5.85 -24.63 -8.03
C PRO B 340 4.88 -25.55 -7.26
N PRO B 341 5.10 -26.82 -7.50
CA PRO B 341 4.19 -27.81 -6.92
C PRO B 341 3.92 -27.90 -5.44
N GLU B 342 4.93 -27.56 -4.64
CA GLU B 342 4.83 -27.63 -3.17
C GLU B 342 3.84 -26.58 -2.67
N TYR B 343 3.40 -25.68 -3.54
CA TYR B 343 2.42 -24.71 -3.07
C TYR B 343 0.99 -25.23 -3.12
N ALA B 344 0.70 -26.19 -3.99
CA ALA B 344 -0.66 -26.66 -4.18
C ALA B 344 -1.46 -27.02 -2.97
N SER B 345 -0.85 -27.85 -2.13
CA SER B 345 -1.64 -28.28 -0.99
C SER B 345 -2.01 -27.15 -0.06
N GLY B 346 -1.12 -26.17 0.13
CA GLY B 346 -1.55 -25.14 1.05
C GLY B 346 -2.63 -24.30 0.36
N VAL B 347 -2.62 -24.19 -0.97
CA VAL B 347 -3.66 -23.40 -1.62
C VAL B 347 -5.00 -24.10 -1.47
N ILE B 348 -4.99 -25.43 -1.59
CA ILE B 348 -6.24 -26.17 -1.52
C ILE B 348 -6.78 -26.07 -0.09
N TRP B 349 -5.86 -26.10 0.86
CA TRP B 349 -6.27 -25.98 2.24
C TRP B 349 -6.96 -24.61 2.42
N ALA B 350 -6.40 -23.58 1.81
CA ALA B 350 -7.02 -22.27 1.94
C ALA B 350 -8.39 -22.29 1.29
N GLN B 351 -8.53 -22.82 0.08
CA GLN B 351 -9.84 -22.83 -0.56
C GLN B 351 -10.91 -23.55 0.28
N SER B 352 -10.49 -24.60 0.99
CA SER B 352 -11.35 -25.41 1.82
C SER B 352 -11.99 -24.59 2.93
N LYS B 353 -11.42 -23.47 3.32
CA LYS B 353 -12.11 -22.80 4.40
C LYS B 353 -13.27 -21.99 3.86
N PHE B 354 -13.40 -21.90 2.54
CA PHE B 354 -14.51 -21.09 2.08
C PHE B 354 -15.79 -21.88 1.95
N GLY B 355 -15.70 -23.14 2.34
CA GLY B 355 -16.85 -24.03 2.30
C GLY B 355 -17.37 -23.95 3.74
#